data_6P89
#
_entry.id   6P89
#
_cell.length_a   96.793
_cell.length_b   96.793
_cell.length_c   216.305
_cell.angle_alpha   90.000
_cell.angle_beta   90.000
_cell.angle_gamma   120.000
#
_symmetry.space_group_name_H-M   'P 32 2 1'
#
loop_
_entity.id
_entity.type
_entity.pdbx_description
1 polymer 'UDP-3-O-(3-hydroxymyristoyl)glucosamine N-acyltransferase'
2 non-polymer 'MAGNESIUM ION'
3 non-polymer N-(2,3-dihydro-1,4-benzodioxin-6-yl)-2-(8-methyl[1]benzopyrano[4,3-c]pyrazol-1(4H)-yl)acetamide
4 non-polymer 3-hydroxy-7,7-dimethyl-2-phenyl-4-(thiophen-2-yl)-2,6,7,8-tetrahydro-5H-pyrazolo[3,4-b]quinolin-5-one
5 water water
#
_entity_poly.entity_id   1
_entity_poly.type   'polypeptide(L)'
_entity_poly.pdbx_seq_one_letter_code
;GSGGSIRLADLAQQLDAELHGDGDIVITGVASMQSAQTGHITFMVNPKYREHLGLCQASAVVMTQDDLPFAKSAALVVKN
PYLTYARMAQILDTTPQPAQNIAPSAVIDATAKLGNNVSIGANAVIESGVELGDNVIIGAGCFVGKNSKIGAGSRLWANV
TIYHEIQIGQNCLIQSGTVVGADGFGYANDRGNWVKIPQIGRVIIGDRVEIGACTTIDRGALDDTIIGNGVIIDNQCQIA
HNVVIGDNTAVAGGVIMAGSLKIGRYCMIGGASVINGHMEICDKVTVTGMGMVMRPITEPGVYSSGIPLQPNKVWRKTAA
LVMNIDDMSKRLKSLERKVNQQD
;
_entity_poly.pdbx_strand_id   A,B,C
#
# COMPACT_ATOMS: atom_id res chain seq x y z
N SER A 5 26.59 6.15 27.42
CA SER A 5 27.47 5.08 27.86
C SER A 5 27.07 4.56 29.24
N ILE A 6 27.44 3.31 29.52
CA ILE A 6 27.01 2.63 30.74
C ILE A 6 28.03 1.54 31.07
N ARG A 7 28.33 1.38 32.36
CA ARG A 7 29.24 0.32 32.80
C ARG A 7 28.59 -1.05 32.63
N LEU A 8 29.40 -2.02 32.20
CA LEU A 8 28.87 -3.35 31.96
C LEU A 8 28.16 -3.90 33.19
N ALA A 9 28.71 -3.64 34.38
CA ALA A 9 28.10 -4.19 35.59
C ALA A 9 26.73 -3.57 35.83
N ASP A 10 26.58 -2.26 35.57
CA ASP A 10 25.29 -1.61 35.70
C ASP A 10 24.29 -2.11 34.65
N LEU A 11 24.73 -2.23 33.41
CA LEU A 11 23.87 -2.81 32.38
C LEU A 11 23.44 -4.22 32.77
N ALA A 12 24.38 -5.04 33.26
CA ALA A 12 24.04 -6.40 33.63
C ALA A 12 22.97 -6.42 34.72
N GLN A 13 23.07 -5.50 35.68
CA GLN A 13 22.07 -5.40 36.74
C GLN A 13 20.70 -5.04 36.17
N GLN A 14 20.65 -4.01 35.30
CA GLN A 14 19.38 -3.60 34.72
C GLN A 14 18.76 -4.72 33.90
N LEU A 15 19.57 -5.58 33.30
CA LEU A 15 19.06 -6.67 32.49
C LEU A 15 18.84 -7.93 33.30
N ASP A 16 19.10 -7.89 34.61
CA ASP A 16 19.00 -9.09 35.43
C ASP A 16 19.80 -10.22 34.81
N ALA A 17 21.02 -9.90 34.36
CA ALA A 17 21.88 -10.86 33.70
C ALA A 17 23.10 -11.13 34.58
N GLU A 18 23.68 -12.31 34.42
CA GLU A 18 24.85 -12.68 35.19
C GLU A 18 26.12 -12.30 34.43
N LEU A 19 26.94 -11.44 35.04
CA LEU A 19 28.15 -10.94 34.42
C LEU A 19 29.30 -11.91 34.59
N HIS A 20 29.98 -12.24 33.50
CA HIS A 20 31.24 -12.98 33.51
C HIS A 20 32.27 -12.11 32.81
N GLY A 21 33.09 -11.39 33.59
CA GLY A 21 34.10 -10.52 33.04
C GLY A 21 34.10 -9.18 33.76
N ASP A 22 34.74 -8.20 33.12
CA ASP A 22 35.09 -6.94 33.78
C ASP A 22 33.87 -6.00 33.78
N GLY A 23 33.24 -5.85 34.95
CA GLY A 23 32.11 -4.96 35.13
C GLY A 23 32.44 -3.50 34.88
N ASP A 24 33.72 -3.16 34.82
CA ASP A 24 34.10 -1.78 34.55
C ASP A 24 34.15 -1.43 33.06
N ILE A 25 34.00 -2.42 32.19
CA ILE A 25 33.91 -2.13 30.75
C ILE A 25 32.79 -1.12 30.48
N VAL A 26 33.09 -0.12 29.67
CA VAL A 26 32.11 0.89 29.30
C VAL A 26 31.43 0.46 28.00
N ILE A 27 30.11 0.30 28.03
CA ILE A 27 29.32 -0.06 26.84
C ILE A 27 28.68 1.22 26.30
N THR A 28 28.89 1.48 25.01
CA THR A 28 28.38 2.68 24.37
C THR A 28 27.21 2.43 23.44
N GLY A 29 26.92 1.17 23.10
CA GLY A 29 25.88 0.94 22.09
C GLY A 29 25.79 -0.53 21.78
N VAL A 30 24.76 -0.88 21.01
CA VAL A 30 24.50 -2.25 20.54
C VAL A 30 24.93 -2.36 19.07
N ALA A 31 25.45 -3.53 18.70
CA ALA A 31 25.83 -3.79 17.30
C ALA A 31 25.60 -5.27 17.00
N SER A 32 25.54 -5.59 15.70
CA SER A 32 25.50 -6.99 15.31
C SER A 32 26.84 -7.66 15.63
N MET A 33 26.84 -8.99 15.63
CA MET A 33 28.08 -9.71 15.95
C MET A 33 29.19 -9.39 14.95
N GLN A 34 28.83 -9.28 13.65
CA GLN A 34 29.82 -9.02 12.61
C GLN A 34 30.32 -7.59 12.64
N SER A 35 29.51 -6.64 13.12
CA SER A 35 29.87 -5.23 13.06
C SER A 35 30.45 -4.71 14.37
N ALA A 36 30.30 -5.48 15.46
CA ALA A 36 30.63 -4.98 16.79
C ALA A 36 32.10 -4.61 16.91
N GLN A 37 32.34 -3.49 17.58
CA GLN A 37 33.67 -2.99 17.87
C GLN A 37 33.80 -2.78 19.38
N THR A 38 35.00 -2.38 19.81
CA THR A 38 35.20 -2.04 21.22
C THR A 38 34.15 -1.05 21.68
N GLY A 39 33.54 -1.34 22.84
CA GLY A 39 32.48 -0.51 23.35
C GLY A 39 31.08 -1.04 23.03
N HIS A 40 30.97 -1.95 22.07
CA HIS A 40 29.65 -2.45 21.74
C HIS A 40 29.33 -3.70 22.54
N ILE A 41 28.04 -3.85 22.85
CA ILE A 41 27.48 -5.12 23.30
C ILE A 41 26.70 -5.73 22.15
N THR A 42 26.79 -7.04 22.03
CA THR A 42 26.06 -7.77 21.00
C THR A 42 25.41 -8.98 21.64
N PHE A 43 24.85 -9.86 20.83
CA PHE A 43 24.14 -11.01 21.38
C PHE A 43 24.23 -12.15 20.39
N MET A 44 24.05 -13.38 20.87
CA MET A 44 23.92 -14.49 19.95
C MET A 44 22.78 -15.41 20.37
N VAL A 45 22.06 -15.90 19.37
CA VAL A 45 20.95 -16.82 19.54
C VAL A 45 21.25 -18.19 18.97
N ASN A 46 21.89 -18.25 17.83
CA ASN A 46 22.14 -19.49 17.09
C ASN A 46 23.49 -20.07 17.50
N PRO A 47 23.54 -21.35 17.88
CA PRO A 47 24.82 -21.94 18.31
C PRO A 47 25.88 -22.00 17.22
N LYS A 48 25.52 -21.82 15.95
CA LYS A 48 26.53 -21.86 14.90
C LYS A 48 27.59 -20.77 15.06
N TYR A 49 27.27 -19.68 15.77
CA TYR A 49 28.25 -18.60 15.91
C TYR A 49 29.23 -18.85 17.04
N ARG A 50 29.03 -19.89 17.85
CA ARG A 50 29.96 -20.16 18.94
C ARG A 50 31.40 -20.26 18.43
N GLU A 51 31.60 -20.94 17.30
CA GLU A 51 32.96 -21.33 16.92
C GLU A 51 33.83 -20.12 16.61
N HIS A 52 33.23 -19.01 16.18
CA HIS A 52 33.96 -17.81 15.80
C HIS A 52 33.57 -16.61 16.66
N LEU A 53 33.31 -16.85 17.95
CA LEU A 53 33.21 -15.75 18.89
C LEU A 53 34.56 -15.06 19.05
N GLY A 54 35.66 -15.76 18.76
CA GLY A 54 36.97 -15.12 18.82
C GLY A 54 37.23 -14.13 17.72
N LEU A 55 36.38 -14.11 16.70
CA LEU A 55 36.45 -13.07 15.68
C LEU A 55 35.56 -11.88 15.99
N CYS A 56 34.60 -12.04 16.91
CA CYS A 56 33.75 -10.93 17.32
C CYS A 56 34.55 -9.95 18.18
N GLN A 57 34.45 -8.67 17.86
CA GLN A 57 35.19 -7.64 18.56
C GLN A 57 34.33 -6.80 19.50
N ALA A 58 33.13 -7.28 19.85
CA ALA A 58 32.37 -6.58 20.87
C ALA A 58 33.10 -6.59 22.21
N SER A 59 32.80 -5.59 23.01
CA SER A 59 33.26 -5.58 24.40
C SER A 59 32.50 -6.58 25.26
N ALA A 60 31.29 -6.96 24.87
CA ALA A 60 30.55 -7.99 25.61
C ALA A 60 29.53 -8.66 24.72
N VAL A 61 29.20 -9.90 25.05
CA VAL A 61 28.23 -10.69 24.28
C VAL A 61 27.17 -11.27 25.24
N VAL A 62 25.90 -11.02 24.94
CA VAL A 62 24.77 -11.64 25.64
C VAL A 62 24.57 -13.04 25.08
N MET A 63 24.48 -14.03 25.97
CA MET A 63 24.42 -15.41 25.52
C MET A 63 23.81 -16.27 26.63
N THR A 64 23.69 -17.56 26.36
CA THR A 64 23.13 -18.48 27.36
C THR A 64 24.24 -19.13 28.17
N GLN A 65 23.84 -19.96 29.14
CA GLN A 65 24.81 -20.68 29.95
C GLN A 65 25.58 -21.69 29.12
N ASP A 66 24.88 -22.42 28.23
CA ASP A 66 25.56 -23.37 27.34
C ASP A 66 26.57 -22.67 26.43
N ASP A 67 26.36 -21.39 26.13
CA ASP A 67 27.31 -20.66 25.30
C ASP A 67 28.57 -20.27 26.09
N LEU A 68 28.45 -20.08 27.40
CA LEU A 68 29.53 -19.50 28.18
C LEU A 68 30.90 -20.14 27.94
N PRO A 69 31.04 -21.46 27.83
CA PRO A 69 32.37 -22.04 27.60
C PRO A 69 33.04 -21.55 26.34
N PHE A 70 32.27 -21.08 25.36
CA PHE A 70 32.83 -20.62 24.10
C PHE A 70 33.15 -19.13 24.10
N ALA A 71 32.75 -18.40 25.14
CA ALA A 71 32.97 -16.96 25.16
C ALA A 71 34.45 -16.63 24.96
N LYS A 72 34.68 -15.51 24.28
CA LYS A 72 36.01 -14.97 24.07
C LYS A 72 36.05 -13.50 24.48
N SER A 73 35.11 -13.09 25.33
CA SER A 73 35.01 -11.71 25.80
C SER A 73 34.17 -11.76 27.07
N ALA A 74 34.04 -10.61 27.73
CA ALA A 74 33.04 -10.49 28.78
C ALA A 74 31.71 -10.99 28.24
N ALA A 75 30.95 -11.65 29.10
CA ALA A 75 29.68 -12.25 28.70
C ALA A 75 28.60 -11.92 29.72
N LEU A 76 27.40 -11.64 29.23
CA LEU A 76 26.22 -11.55 30.08
C LEU A 76 25.40 -12.81 29.82
N VAL A 77 25.15 -13.59 30.88
CA VAL A 77 24.43 -14.86 30.74
C VAL A 77 22.98 -14.65 31.15
N VAL A 78 22.06 -15.04 30.26
CA VAL A 78 20.62 -14.91 30.47
C VAL A 78 19.95 -16.15 29.89
N LYS A 79 18.65 -16.30 30.19
CA LYS A 79 17.92 -17.42 29.58
C LYS A 79 17.51 -17.16 28.13
N ASN A 80 17.26 -15.89 27.75
CA ASN A 80 16.63 -15.56 26.47
C ASN A 80 17.43 -14.40 25.87
N PRO A 81 18.49 -14.69 25.13
CA PRO A 81 19.31 -13.61 24.56
C PRO A 81 18.52 -12.61 23.71
N TYR A 82 17.54 -13.09 22.93
CA TYR A 82 16.80 -12.20 22.03
C TYR A 82 15.99 -11.18 22.83
N LEU A 83 15.31 -11.63 23.89
CA LEU A 83 14.54 -10.69 24.70
C LEU A 83 15.47 -9.76 25.46
N THR A 84 16.58 -10.28 25.97
CA THR A 84 17.54 -9.42 26.64
C THR A 84 18.09 -8.36 25.68
N TYR A 85 18.32 -8.76 24.43
CA TYR A 85 18.73 -7.82 23.39
C TYR A 85 17.69 -6.71 23.23
N ALA A 86 16.41 -7.07 23.13
CA ALA A 86 15.38 -6.03 23.04
C ALA A 86 15.53 -5.02 24.17
N ARG A 87 15.71 -5.52 25.39
CA ARG A 87 15.77 -4.61 26.54
C ARG A 87 17.03 -3.77 26.53
N MET A 88 18.17 -4.38 26.19
CA MET A 88 19.40 -3.59 26.17
C MET A 88 19.41 -2.57 25.03
N ALA A 89 18.77 -2.90 23.90
CA ALA A 89 18.66 -1.92 22.83
C ALA A 89 17.76 -0.75 23.23
N GLN A 90 16.73 -1.00 24.06
CA GLN A 90 15.95 0.10 24.58
C GLN A 90 16.78 0.99 25.50
N ILE A 91 17.61 0.39 26.36
CA ILE A 91 18.46 1.17 27.26
C ILE A 91 19.43 2.03 26.46
N LEU A 92 19.97 1.48 25.36
CA LEU A 92 20.99 2.13 24.54
C LEU A 92 20.41 2.75 23.26
N ASP A 93 19.11 3.02 23.22
CA ASP A 93 18.49 3.42 21.96
C ASP A 93 19.02 4.80 21.51
N THR A 94 19.36 4.92 20.21
CA THR A 94 19.81 6.19 19.66
C THR A 94 18.72 6.89 18.84
N THR A 95 17.52 6.32 18.77
CA THR A 95 16.49 6.89 17.91
C THR A 95 16.11 8.27 18.45
N PRO A 96 16.02 9.28 17.59
CA PRO A 96 15.55 10.59 18.05
C PRO A 96 14.03 10.58 18.24
N GLN A 97 13.51 11.67 18.81
CA GLN A 97 12.07 11.88 18.92
C GLN A 97 11.52 12.58 17.68
N PRO A 98 10.25 12.34 17.35
CA PRO A 98 9.66 13.02 16.19
C PRO A 98 9.64 14.54 16.31
N ALA A 99 9.64 15.08 17.52
CA ALA A 99 9.63 16.53 17.70
C ALA A 99 10.05 16.80 19.13
N GLN A 100 10.50 18.05 19.38
CA GLN A 100 10.77 18.53 20.72
C GLN A 100 10.15 19.92 20.91
N ASN A 101 9.36 20.09 21.98
CA ASN A 101 8.58 21.31 22.22
C ASN A 101 7.57 21.51 21.09
N ILE A 102 6.88 22.65 21.04
CA ILE A 102 5.88 22.91 20.02
C ILE A 102 6.48 23.86 18.99
N ALA A 103 6.46 23.44 17.73
CA ALA A 103 7.11 24.19 16.69
C ALA A 103 6.30 25.43 16.36
N PRO A 104 6.97 26.55 16.09
CA PRO A 104 6.23 27.78 15.76
C PRO A 104 5.40 27.66 14.48
N SER A 105 5.74 26.77 13.53
CA SER A 105 4.98 26.59 12.30
C SER A 105 3.85 25.56 12.44
N ALA A 106 3.73 24.93 13.60
CA ALA A 106 2.55 24.06 13.82
C ALA A 106 1.31 24.92 13.90
N VAL A 107 0.19 24.40 13.39
CA VAL A 107 -1.09 25.10 13.35
C VAL A 107 -2.04 24.36 14.26
N ILE A 108 -2.38 24.94 15.41
CA ILE A 108 -3.07 24.24 16.48
C ILE A 108 -4.32 25.02 16.82
N ASP A 109 -5.48 24.38 16.71
CA ASP A 109 -6.71 25.06 17.06
C ASP A 109 -6.68 25.47 18.54
N ALA A 110 -7.24 26.64 18.83
CA ALA A 110 -7.20 27.14 20.20
C ALA A 110 -8.02 26.26 21.13
N THR A 111 -8.92 25.42 20.62
CA THR A 111 -9.69 24.54 21.47
C THR A 111 -9.04 23.17 21.67
N ALA A 112 -7.86 22.92 21.09
CA ALA A 112 -7.16 21.70 21.45
C ALA A 112 -6.80 21.72 22.92
N LYS A 113 -6.80 20.54 23.53
CA LYS A 113 -6.52 20.36 24.95
C LYS A 113 -5.24 19.57 25.04
N LEU A 114 -4.19 20.18 25.54
CA LEU A 114 -2.84 19.64 25.55
C LEU A 114 -2.40 19.37 26.98
N GLY A 115 -1.86 18.19 27.21
CA GLY A 115 -1.31 17.83 28.49
C GLY A 115 0.06 18.47 28.67
N ASN A 116 0.82 17.92 29.62
CA ASN A 116 2.16 18.40 29.95
C ASN A 116 3.17 17.73 29.04
N ASN A 117 4.20 18.50 28.66
CA ASN A 117 5.33 17.99 27.91
C ASN A 117 4.88 17.38 26.59
N VAL A 118 3.94 18.02 25.92
CA VAL A 118 3.53 17.64 24.56
C VAL A 118 4.49 18.29 23.56
N SER A 119 5.00 17.52 22.60
CA SER A 119 5.81 18.06 21.54
C SER A 119 5.09 17.90 20.22
N ILE A 120 5.13 18.93 19.40
CA ILE A 120 4.43 18.97 18.12
C ILE A 120 5.39 19.52 17.08
N GLY A 121 5.63 18.75 16.01
CA GLY A 121 6.64 19.11 15.03
C GLY A 121 6.20 20.19 14.07
N ALA A 122 7.18 20.63 13.27
CA ALA A 122 6.93 21.70 12.30
C ALA A 122 5.81 21.35 11.31
N ASN A 123 4.92 22.32 11.07
CA ASN A 123 3.85 22.20 10.09
C ASN A 123 2.84 21.12 10.39
N ALA A 124 2.82 20.60 11.61
CA ALA A 124 1.72 19.71 11.98
C ALA A 124 0.45 20.55 12.14
N VAL A 125 -0.71 19.89 12.00
CA VAL A 125 -2.01 20.56 12.04
C VAL A 125 -2.89 19.80 13.01
N ILE A 126 -3.37 20.50 14.05
CA ILE A 126 -4.21 19.92 15.09
C ILE A 126 -5.56 20.63 15.05
N GLU A 127 -6.62 19.89 14.81
CA GLU A 127 -7.97 20.43 14.67
C GLU A 127 -8.60 20.77 16.02
N SER A 128 -9.78 21.33 15.92
CA SER A 128 -10.54 21.68 17.12
C SER A 128 -10.83 20.43 17.96
N GLY A 129 -10.88 20.65 19.29
CA GLY A 129 -11.32 19.64 20.21
C GLY A 129 -10.35 18.48 20.45
N VAL A 130 -9.20 18.48 19.78
CA VAL A 130 -8.28 17.35 19.92
C VAL A 130 -7.72 17.35 21.32
N GLU A 131 -7.55 16.18 21.91
CA GLU A 131 -6.92 16.05 23.22
C GLU A 131 -5.64 15.24 23.09
N LEU A 132 -4.52 15.83 23.49
CA LEU A 132 -3.24 15.14 23.48
C LEU A 132 -2.80 14.97 24.92
N GLY A 133 -2.54 13.75 25.34
CA GLY A 133 -2.19 13.46 26.71
C GLY A 133 -0.73 13.87 27.02
N ASP A 134 -0.38 13.72 28.31
CA ASP A 134 0.98 14.02 28.74
C ASP A 134 2.01 13.24 27.92
N ASN A 135 3.11 13.93 27.58
CA ASN A 135 4.24 13.29 26.90
C ASN A 135 3.91 12.81 25.49
N VAL A 136 2.78 13.21 24.90
CA VAL A 136 2.51 12.86 23.51
C VAL A 136 3.42 13.64 22.58
N ILE A 137 3.89 12.98 21.51
CA ILE A 137 4.73 13.61 20.50
C ILE A 137 4.08 13.45 19.14
N ILE A 138 3.85 14.56 18.45
CA ILE A 138 3.25 14.58 17.12
C ILE A 138 4.33 15.03 16.14
N GLY A 139 4.69 14.19 15.17
CA GLY A 139 5.76 14.54 14.24
C GLY A 139 5.39 15.66 13.29
N ALA A 140 6.42 16.14 12.57
CA ALA A 140 6.22 17.16 11.55
C ALA A 140 5.18 16.72 10.53
N GLY A 141 4.35 17.67 10.10
CA GLY A 141 3.46 17.47 8.97
C GLY A 141 2.27 16.56 9.23
N CYS A 142 2.07 16.14 10.49
CA CYS A 142 0.90 15.30 10.79
C CYS A 142 -0.37 16.13 10.70
N PHE A 143 -1.50 15.41 10.59
CA PHE A 143 -2.82 16.01 10.73
C PHE A 143 -3.54 15.20 11.78
N VAL A 144 -4.16 15.85 12.76
CA VAL A 144 -5.01 15.18 13.75
C VAL A 144 -6.37 15.85 13.71
N GLY A 145 -7.40 15.09 13.32
CA GLY A 145 -8.70 15.66 13.03
C GLY A 145 -9.57 15.88 14.28
N LYS A 146 -10.75 16.45 14.01
CA LYS A 146 -11.57 17.04 15.08
C LYS A 146 -11.93 16.03 16.16
N ASN A 147 -11.73 16.45 17.43
CA ASN A 147 -12.16 15.75 18.64
C ASN A 147 -11.43 14.42 18.83
N SER A 148 -10.35 14.16 18.08
CA SER A 148 -9.57 12.96 18.33
C SER A 148 -8.80 13.05 19.64
N LYS A 149 -8.56 11.92 20.25
CA LYS A 149 -7.90 11.85 21.55
C LYS A 149 -6.73 10.89 21.44
N ILE A 150 -5.56 11.33 21.89
CA ILE A 150 -4.33 10.55 21.85
C ILE A 150 -3.80 10.47 23.27
N GLY A 151 -3.67 9.26 23.78
CA GLY A 151 -3.30 9.02 25.17
C GLY A 151 -1.82 9.26 25.47
N ALA A 152 -1.56 9.35 26.79
CA ALA A 152 -0.26 9.74 27.29
C ALA A 152 0.83 8.85 26.72
N GLY A 153 1.95 9.47 26.37
CA GLY A 153 3.11 8.72 25.90
C GLY A 153 3.04 8.28 24.44
N SER A 154 1.92 8.48 23.77
CA SER A 154 1.84 8.03 22.38
C SER A 154 2.60 8.98 21.45
N ARG A 155 3.10 8.43 20.35
CA ARG A 155 3.95 9.19 19.45
C ARG A 155 3.61 8.84 18.02
N LEU A 156 3.52 9.88 17.21
CA LEU A 156 3.33 9.79 15.75
C LEU A 156 4.58 10.33 15.08
N TRP A 157 5.14 9.57 14.13
CA TRP A 157 6.25 10.07 13.32
C TRP A 157 5.74 11.10 12.32
N ALA A 158 6.60 11.58 11.42
CA ALA A 158 6.15 12.63 10.52
C ALA A 158 5.06 12.13 9.57
N ASN A 159 4.18 13.05 9.15
CA ASN A 159 3.29 12.82 8.04
C ASN A 159 2.33 11.64 8.31
N VAL A 160 1.82 11.57 9.55
CA VAL A 160 0.73 10.64 9.90
C VAL A 160 -0.56 11.42 9.81
N THR A 161 -1.62 10.75 9.34
CA THR A 161 -2.95 11.35 9.28
C THR A 161 -3.90 10.61 10.22
N ILE A 162 -4.44 11.32 11.21
CA ILE A 162 -5.51 10.82 12.08
C ILE A 162 -6.75 11.63 11.74
N TYR A 163 -7.85 10.94 11.40
CA TYR A 163 -9.07 11.65 11.10
C TYR A 163 -9.74 12.11 12.41
N HIS A 164 -11.03 12.43 12.32
CA HIS A 164 -11.82 12.95 13.44
C HIS A 164 -12.38 11.80 14.28
N GLU A 165 -12.63 12.12 15.58
CA GLU A 165 -13.28 11.22 16.55
C GLU A 165 -12.53 9.91 16.74
N ILE A 166 -11.20 9.92 16.56
CA ILE A 166 -10.39 8.71 16.74
C ILE A 166 -9.90 8.69 18.16
N GLN A 167 -9.84 7.52 18.77
CA GLN A 167 -9.27 7.35 20.11
C GLN A 167 -8.06 6.46 20.03
N ILE A 168 -6.92 6.94 20.55
CA ILE A 168 -5.67 6.18 20.62
C ILE A 168 -5.25 6.17 22.08
N GLY A 169 -4.86 5.00 22.57
CA GLY A 169 -4.45 4.82 23.96
C GLY A 169 -3.05 5.35 24.27
N GLN A 170 -2.48 4.79 25.32
CA GLN A 170 -1.21 5.26 25.87
C GLN A 170 -0.06 4.48 25.24
N ASN A 171 1.07 5.16 25.07
CA ASN A 171 2.32 4.49 24.68
C ASN A 171 2.24 3.77 23.34
N CYS A 172 1.46 4.31 22.42
CA CYS A 172 1.42 3.80 21.05
C CYS A 172 2.48 4.49 20.19
N LEU A 173 2.77 3.88 19.05
CA LEU A 173 3.74 4.43 18.12
C LEU A 173 3.21 4.17 16.72
N ILE A 174 3.11 5.22 15.91
CA ILE A 174 2.54 5.13 14.57
C ILE A 174 3.56 5.72 13.60
N GLN A 175 4.00 4.93 12.61
CA GLN A 175 5.03 5.35 11.65
C GLN A 175 4.41 6.18 10.52
N SER A 176 5.29 6.84 9.77
CA SER A 176 4.89 7.84 8.79
C SER A 176 4.04 7.27 7.67
N GLY A 177 3.17 8.12 7.12
CA GLY A 177 2.37 7.76 5.95
C GLY A 177 1.10 7.02 6.29
N THR A 178 0.92 6.63 7.53
CA THR A 178 -0.25 5.88 7.95
C THR A 178 -1.44 6.80 8.07
N VAL A 179 -2.61 6.23 7.81
CA VAL A 179 -3.88 6.94 7.84
C VAL A 179 -4.82 6.16 8.75
N VAL A 180 -5.28 6.79 9.82
CA VAL A 180 -6.23 6.16 10.75
C VAL A 180 -7.54 6.92 10.71
N GLY A 181 -8.61 6.21 10.33
CA GLY A 181 -9.96 6.78 10.42
C GLY A 181 -10.55 7.26 9.12
N ALA A 182 -9.99 6.88 7.97
CA ALA A 182 -10.65 7.26 6.72
C ALA A 182 -11.99 6.51 6.59
N ASP A 183 -12.83 7.01 5.72
CA ASP A 183 -14.11 6.32 5.50
C ASP A 183 -13.91 4.85 5.13
N GLY A 184 -14.70 3.96 5.74
CA GLY A 184 -14.84 2.60 5.22
C GLY A 184 -15.50 2.60 3.87
N PHE A 185 -15.38 1.46 3.21
CA PHE A 185 -15.82 1.30 1.81
C PHE A 185 -17.31 0.90 1.78
N GLY A 186 -18.16 1.86 2.15
CA GLY A 186 -19.58 1.58 2.37
C GLY A 186 -20.47 2.33 1.40
N TYR A 187 -21.21 1.58 0.56
CA TYR A 187 -22.05 2.16 -0.49
C TYR A 187 -23.30 1.31 -0.61
N ALA A 188 -24.46 1.96 -0.72
CA ALA A 188 -25.69 1.34 -1.19
C ALA A 188 -25.76 1.47 -2.71
N ASN A 189 -26.76 0.83 -3.30
CA ASN A 189 -26.87 0.87 -4.75
C ASN A 189 -28.30 1.24 -5.09
N ASP A 190 -28.47 2.37 -5.78
CA ASP A 190 -29.76 2.90 -6.22
C ASP A 190 -29.76 2.83 -7.74
N ARG A 191 -30.01 1.62 -8.27
CA ARG A 191 -30.07 1.35 -9.70
C ARG A 191 -28.73 1.51 -10.43
N GLY A 192 -27.74 0.70 -10.07
CA GLY A 192 -26.43 0.79 -10.69
C GLY A 192 -25.58 1.93 -10.22
N ASN A 193 -26.17 2.96 -9.58
CA ASN A 193 -25.41 4.10 -9.05
C ASN A 193 -25.09 3.87 -7.59
N TRP A 194 -23.83 4.08 -7.23
CA TRP A 194 -23.41 3.92 -5.85
C TRP A 194 -23.89 5.13 -5.05
N VAL A 195 -24.37 4.86 -3.84
CA VAL A 195 -24.84 5.89 -2.93
C VAL A 195 -23.98 5.79 -1.70
N LYS A 196 -23.25 6.87 -1.39
CA LYS A 196 -22.32 6.79 -0.28
C LYS A 196 -23.06 6.62 1.04
N ILE A 197 -22.59 5.68 1.86
CA ILE A 197 -23.05 5.58 3.25
C ILE A 197 -22.03 6.32 4.11
N PRO A 198 -22.39 7.44 4.73
CA PRO A 198 -21.44 8.13 5.62
C PRO A 198 -20.97 7.16 6.69
N GLN A 199 -19.68 7.24 7.01
CA GLN A 199 -19.06 6.29 7.90
C GLN A 199 -18.86 7.06 9.20
N ILE A 200 -19.79 6.87 10.14
CA ILE A 200 -19.85 7.72 11.33
C ILE A 200 -19.45 6.99 12.61
N GLY A 201 -19.02 5.73 12.50
CA GLY A 201 -18.30 5.09 13.57
C GLY A 201 -16.89 5.66 13.64
N ARG A 202 -16.07 5.00 14.46
CA ARG A 202 -14.75 5.55 14.81
C ARG A 202 -13.68 4.47 14.67
N VAL A 203 -12.46 4.79 15.08
CA VAL A 203 -11.43 3.80 15.34
C VAL A 203 -11.03 3.96 16.79
N ILE A 204 -10.99 2.84 17.51
CA ILE A 204 -10.53 2.82 18.90
C ILE A 204 -9.28 1.97 18.91
N ILE A 205 -8.14 2.59 19.23
CA ILE A 205 -6.87 1.88 19.33
C ILE A 205 -6.51 1.83 20.79
N GLY A 206 -6.13 0.65 21.30
CA GLY A 206 -5.82 0.48 22.71
C GLY A 206 -4.46 1.04 23.11
N ASP A 207 -3.90 0.45 24.17
CA ASP A 207 -2.59 0.89 24.67
C ASP A 207 -1.49 0.02 24.08
N ARG A 208 -0.30 0.62 23.90
CA ARG A 208 0.89 -0.12 23.50
C ARG A 208 0.74 -0.73 22.11
N VAL A 209 0.02 -0.05 21.23
CA VAL A 209 -0.15 -0.51 19.83
C VAL A 209 0.93 0.16 18.99
N GLU A 210 1.56 -0.62 18.11
CA GLU A 210 2.52 -0.08 17.16
C GLU A 210 2.00 -0.36 15.77
N ILE A 211 1.96 0.66 14.94
CA ILE A 211 1.46 0.58 13.56
C ILE A 211 2.56 1.07 12.62
N GLY A 212 2.80 0.30 11.57
CA GLY A 212 3.85 0.61 10.60
C GLY A 212 3.45 1.76 9.69
N ALA A 213 4.24 1.88 8.61
CA ALA A 213 4.14 2.96 7.64
C ALA A 213 3.24 2.64 6.46
N CYS A 214 2.54 3.66 5.97
CA CYS A 214 1.57 3.54 4.86
C CYS A 214 0.57 2.43 5.14
N THR A 215 0.16 2.27 6.40
CA THR A 215 -0.97 1.41 6.75
C THR A 215 -2.24 2.22 6.86
N THR A 216 -3.39 1.61 6.52
CA THR A 216 -4.67 2.31 6.58
C THR A 216 -5.58 1.54 7.49
N ILE A 217 -6.22 2.24 8.40
CA ILE A 217 -7.22 1.64 9.29
C ILE A 217 -8.47 2.48 9.16
N ASP A 218 -9.53 1.94 8.58
CA ASP A 218 -10.72 2.74 8.34
C ASP A 218 -11.65 2.78 9.56
N ARG A 219 -12.36 3.90 9.68
CA ARG A 219 -13.37 4.05 10.72
C ARG A 219 -14.58 3.17 10.44
N GLY A 220 -15.31 2.84 11.50
CA GLY A 220 -16.50 2.03 11.31
C GLY A 220 -17.67 2.78 10.67
N ALA A 221 -18.67 1.99 10.25
CA ALA A 221 -19.84 2.59 9.61
C ALA A 221 -20.75 3.28 10.63
N LEU A 222 -21.01 2.62 11.79
CA LEU A 222 -21.87 3.15 12.85
C LEU A 222 -21.18 2.88 14.19
N ASP A 223 -20.91 1.61 14.45
CA ASP A 223 -20.03 1.24 15.55
C ASP A 223 -18.57 1.26 15.06
N ASP A 224 -17.63 0.74 15.85
CA ASP A 224 -16.23 1.13 15.70
C ASP A 224 -15.33 0.04 15.17
N THR A 225 -14.27 0.46 14.47
CA THR A 225 -13.14 -0.42 14.22
C THR A 225 -12.31 -0.42 15.48
N ILE A 226 -11.85 -1.59 15.93
CA ILE A 226 -11.23 -1.73 17.25
C ILE A 226 -9.90 -2.46 17.14
N ILE A 227 -8.82 -1.83 17.63
CA ILE A 227 -7.49 -2.46 17.67
C ILE A 227 -7.15 -2.67 19.15
N GLY A 228 -6.95 -3.91 19.55
CA GLY A 228 -6.73 -4.20 20.96
C GLY A 228 -5.37 -3.78 21.47
N ASN A 229 -5.21 -3.92 22.78
CA ASN A 229 -3.95 -3.54 23.39
C ASN A 229 -2.81 -4.43 22.90
N GLY A 230 -1.62 -3.83 22.81
CA GLY A 230 -0.40 -4.58 22.54
C GLY A 230 -0.33 -5.14 21.12
N VAL A 231 -1.25 -4.76 20.24
CA VAL A 231 -1.20 -5.23 18.85
C VAL A 231 -0.06 -4.55 18.10
N ILE A 232 0.60 -5.31 17.23
CA ILE A 232 1.62 -4.76 16.34
C ILE A 232 1.19 -5.02 14.89
N ILE A 233 1.21 -3.98 14.07
CA ILE A 233 0.79 -4.00 12.67
C ILE A 233 1.91 -3.43 11.86
N ASP A 234 2.35 -4.15 10.85
CA ASP A 234 3.47 -3.76 9.99
C ASP A 234 2.99 -2.78 8.92
N ASN A 235 3.83 -2.54 7.90
CA ASN A 235 3.59 -1.54 6.86
C ASN A 235 2.60 -2.05 5.81
N GLN A 236 2.02 -1.14 5.06
CA GLN A 236 1.23 -1.46 3.86
C GLN A 236 0.01 -2.32 4.19
N CYS A 237 -0.49 -2.31 5.43
CA CYS A 237 -1.68 -3.10 5.76
C CYS A 237 -2.96 -2.31 5.55
N GLN A 238 -4.06 -3.01 5.28
CA GLN A 238 -5.39 -2.41 5.17
C GLN A 238 -6.25 -3.10 6.21
N ILE A 239 -6.82 -2.32 7.11
CA ILE A 239 -7.76 -2.81 8.12
C ILE A 239 -9.06 -2.09 7.83
N ALA A 240 -10.05 -2.83 7.33
CA ALA A 240 -11.30 -2.25 6.84
C ALA A 240 -12.23 -1.84 8.00
N HIS A 241 -13.32 -1.18 7.63
CA HIS A 241 -14.30 -0.76 8.64
C HIS A 241 -14.80 -1.93 9.46
N ASN A 242 -14.92 -1.68 10.76
CA ASN A 242 -15.53 -2.56 11.72
C ASN A 242 -14.76 -3.84 11.95
N VAL A 243 -13.49 -3.88 11.55
CA VAL A 243 -12.61 -4.95 11.96
C VAL A 243 -12.34 -4.82 13.45
N VAL A 244 -12.21 -5.96 14.15
CA VAL A 244 -11.85 -6.01 15.56
C VAL A 244 -10.66 -6.93 15.71
N ILE A 245 -9.56 -6.42 16.26
CA ILE A 245 -8.36 -7.22 16.45
C ILE A 245 -8.08 -7.36 17.94
N GLY A 246 -7.92 -8.60 18.38
CA GLY A 246 -7.71 -8.89 19.79
C GLY A 246 -6.30 -8.59 20.28
N ASP A 247 -6.20 -8.49 21.61
CA ASP A 247 -4.98 -8.02 22.24
C ASP A 247 -3.80 -8.91 21.80
N ASN A 248 -2.64 -8.28 21.63
CA ASN A 248 -1.36 -8.94 21.43
C ASN A 248 -1.24 -9.62 20.07
N THR A 249 -2.21 -9.44 19.19
CA THR A 249 -2.07 -10.01 17.85
C THR A 249 -1.02 -9.24 17.05
N ALA A 250 -0.31 -9.98 16.19
CA ALA A 250 0.70 -9.42 15.26
C ALA A 250 0.26 -9.60 13.83
N VAL A 251 0.36 -8.52 13.04
CA VAL A 251 -0.02 -8.53 11.62
C VAL A 251 1.16 -8.07 10.79
N ALA A 252 1.69 -8.95 9.94
CA ALA A 252 2.87 -8.63 9.16
C ALA A 252 2.53 -7.78 7.95
N GLY A 253 3.57 -7.46 7.16
CA GLY A 253 3.39 -6.43 6.13
C GLY A 253 2.43 -6.81 5.01
N GLY A 254 1.68 -5.84 4.51
CA GLY A 254 0.87 -5.99 3.32
C GLY A 254 -0.37 -6.84 3.46
N VAL A 255 -0.83 -7.05 4.69
CA VAL A 255 -2.04 -7.85 4.91
C VAL A 255 -3.25 -7.02 4.58
N ILE A 256 -4.25 -7.61 3.94
CA ILE A 256 -5.49 -6.91 3.59
C ILE A 256 -6.63 -7.62 4.31
N MET A 257 -7.37 -6.88 5.13
CA MET A 257 -8.50 -7.43 5.86
C MET A 257 -9.77 -6.74 5.44
N ALA A 258 -10.81 -7.52 5.21
CA ALA A 258 -12.07 -6.98 4.77
C ALA A 258 -12.95 -6.63 5.96
N GLY A 259 -14.07 -5.99 5.65
CA GLY A 259 -14.91 -5.42 6.68
C GLY A 259 -15.49 -6.46 7.64
N SER A 260 -15.59 -6.06 8.91
CA SER A 260 -16.27 -6.84 9.95
C SER A 260 -15.60 -8.16 10.27
N LEU A 261 -14.34 -8.31 9.92
CA LEU A 261 -13.56 -9.43 10.40
C LEU A 261 -13.32 -9.26 11.90
N LYS A 262 -13.36 -10.36 12.66
CA LYS A 262 -12.92 -10.33 14.06
C LYS A 262 -11.75 -11.31 14.19
N ILE A 263 -10.61 -10.83 14.67
CA ILE A 263 -9.45 -11.66 14.92
C ILE A 263 -9.26 -11.71 16.44
N GLY A 264 -8.94 -12.88 16.97
CA GLY A 264 -8.76 -13.05 18.41
C GLY A 264 -7.43 -12.54 18.91
N ARG A 265 -7.10 -12.97 20.13
CA ARG A 265 -5.85 -12.61 20.79
C ARG A 265 -4.71 -13.53 20.38
N TYR A 266 -3.50 -12.99 20.42
CA TYR A 266 -2.27 -13.78 20.28
C TYR A 266 -2.21 -14.45 18.91
N CYS A 267 -2.83 -13.83 17.91
CA CYS A 267 -2.75 -14.38 16.56
C CYS A 267 -1.49 -13.86 15.87
N MET A 268 -1.10 -14.55 14.78
CA MET A 268 0.09 -14.18 14.00
C MET A 268 -0.33 -14.25 12.54
N ILE A 269 -0.54 -13.12 11.89
CA ILE A 269 -0.99 -13.09 10.50
C ILE A 269 0.18 -12.77 9.57
N GLY A 270 0.56 -13.74 8.76
CA GLY A 270 1.76 -13.60 7.93
C GLY A 270 1.60 -12.62 6.77
N GLY A 271 2.76 -12.21 6.26
CA GLY A 271 2.79 -11.11 5.32
C GLY A 271 1.97 -11.43 4.08
N ALA A 272 1.27 -10.42 3.58
CA ALA A 272 0.55 -10.44 2.31
C ALA A 272 -0.63 -11.41 2.33
N SER A 273 -1.08 -11.78 3.51
CA SER A 273 -2.31 -12.58 3.59
C SER A 273 -3.50 -11.72 3.24
N VAL A 274 -4.59 -12.39 2.86
CA VAL A 274 -5.86 -11.75 2.49
C VAL A 274 -6.94 -12.40 3.34
N ILE A 275 -7.53 -11.64 4.25
CA ILE A 275 -8.50 -12.19 5.19
C ILE A 275 -9.85 -11.60 4.90
N ASN A 276 -10.80 -12.47 4.55
CA ASN A 276 -12.14 -12.04 4.20
C ASN A 276 -12.93 -11.65 5.46
N GLY A 277 -14.06 -11.00 5.25
CA GLY A 277 -14.76 -10.32 6.32
C GLY A 277 -15.97 -11.12 6.80
N HIS A 278 -16.70 -10.48 7.71
CA HIS A 278 -17.93 -11.06 8.29
C HIS A 278 -17.69 -12.47 8.79
N MET A 279 -16.57 -12.66 9.46
CA MET A 279 -16.22 -13.94 10.04
C MET A 279 -15.24 -13.73 11.16
N GLU A 280 -14.95 -14.79 11.89
CA GLU A 280 -14.10 -14.73 13.05
C GLU A 280 -12.93 -15.71 12.94
N ILE A 281 -11.78 -15.26 13.44
CA ILE A 281 -10.62 -16.11 13.67
C ILE A 281 -10.42 -16.17 15.18
N CYS A 282 -10.35 -17.37 15.74
CA CYS A 282 -10.23 -17.55 17.20
C CYS A 282 -8.81 -17.19 17.67
N ASP A 283 -8.60 -17.25 18.99
CA ASP A 283 -7.28 -16.92 19.55
C ASP A 283 -6.22 -17.93 19.12
N LYS A 284 -4.98 -17.47 19.07
CA LYS A 284 -3.81 -18.33 18.90
C LYS A 284 -3.78 -19.03 17.53
N VAL A 285 -4.16 -18.27 16.51
CA VAL A 285 -4.10 -18.74 15.12
C VAL A 285 -2.93 -18.07 14.44
N THR A 286 -2.16 -18.85 13.69
CA THR A 286 -1.12 -18.36 12.79
C THR A 286 -1.57 -18.65 11.37
N VAL A 287 -1.57 -17.62 10.54
CA VAL A 287 -1.79 -17.75 9.09
C VAL A 287 -0.45 -17.43 8.42
N THR A 288 0.06 -18.37 7.61
CA THR A 288 1.34 -18.12 6.98
C THR A 288 1.21 -17.20 5.77
N GLY A 289 2.38 -16.79 5.28
CA GLY A 289 2.41 -15.75 4.26
C GLY A 289 1.53 -16.03 3.06
N MET A 290 0.92 -14.98 2.54
CA MET A 290 0.06 -15.01 1.37
C MET A 290 -1.18 -15.89 1.60
N GLY A 291 -1.54 -16.13 2.86
CA GLY A 291 -2.68 -16.99 3.14
C GLY A 291 -3.97 -16.39 2.60
N MET A 292 -4.81 -17.24 2.01
CA MET A 292 -6.09 -16.83 1.43
C MET A 292 -7.16 -17.35 2.39
N VAL A 293 -7.64 -16.49 3.26
CA VAL A 293 -8.54 -16.87 4.36
C VAL A 293 -9.96 -16.59 3.92
N MET A 294 -10.67 -17.66 3.54
CA MET A 294 -12.05 -17.52 3.07
C MET A 294 -13.09 -17.93 4.11
N ARG A 295 -12.72 -18.67 5.14
CA ARG A 295 -13.67 -19.29 6.06
C ARG A 295 -13.24 -18.97 7.47
N PRO A 296 -14.18 -18.96 8.41
CA PRO A 296 -13.82 -18.82 9.83
C PRO A 296 -12.80 -19.84 10.29
N ILE A 297 -11.98 -19.44 11.26
CA ILE A 297 -11.00 -20.34 11.87
C ILE A 297 -11.42 -20.52 13.33
N THR A 298 -11.78 -21.75 13.71
CA THR A 298 -12.35 -22.02 15.03
C THR A 298 -11.44 -22.82 15.94
N GLU A 299 -10.29 -23.24 15.45
CA GLU A 299 -9.37 -23.94 16.31
C GLU A 299 -8.00 -23.28 16.22
N PRO A 300 -7.28 -23.17 17.34
CA PRO A 300 -5.92 -22.60 17.29
C PRO A 300 -4.99 -23.50 16.49
N GLY A 301 -3.90 -22.92 15.99
CA GLY A 301 -2.88 -23.64 15.26
C GLY A 301 -2.45 -22.86 14.02
N VAL A 302 -1.72 -23.52 13.15
CA VAL A 302 -1.07 -22.91 11.98
C VAL A 302 -1.84 -23.32 10.72
N TYR A 303 -2.11 -22.36 9.84
CA TYR A 303 -2.90 -22.58 8.64
C TYR A 303 -2.20 -21.90 7.49
N SER A 304 -2.33 -22.47 6.29
CA SER A 304 -1.52 -22.05 5.15
C SER A 304 -2.30 -22.25 3.86
N SER A 305 -1.86 -21.54 2.81
CA SER A 305 -2.39 -21.74 1.47
C SER A 305 -1.33 -21.37 0.44
N GLY A 306 -1.61 -21.75 -0.79
CA GLY A 306 -0.80 -21.28 -1.92
C GLY A 306 0.07 -22.38 -2.48
N ILE A 307 0.25 -22.36 -3.81
CA ILE A 307 1.14 -23.30 -4.48
C ILE A 307 2.43 -22.55 -4.77
N PRO A 308 3.54 -22.90 -4.17
CA PRO A 308 4.74 -22.04 -4.28
C PRO A 308 5.47 -22.11 -5.63
N LEU A 309 6.50 -21.27 -5.75
CA LEU A 309 7.23 -21.05 -7.00
C LEU A 309 7.81 -22.34 -7.59
N GLN A 310 7.81 -22.39 -8.92
CA GLN A 310 8.51 -23.41 -9.68
C GLN A 310 9.20 -22.72 -10.84
N PRO A 311 10.20 -23.38 -11.45
CA PRO A 311 10.73 -22.86 -12.71
C PRO A 311 9.59 -22.63 -13.66
N ASN A 312 9.68 -21.59 -14.47
CA ASN A 312 8.55 -21.25 -15.33
C ASN A 312 8.12 -22.42 -16.21
N LYS A 313 9.07 -23.19 -16.78
CA LYS A 313 8.68 -24.29 -17.67
C LYS A 313 7.81 -25.30 -16.92
N VAL A 314 8.15 -25.55 -15.66
CA VAL A 314 7.39 -26.48 -14.83
C VAL A 314 6.04 -25.89 -14.44
N TRP A 315 6.02 -24.61 -14.06
CA TRP A 315 4.79 -23.95 -13.66
C TRP A 315 3.75 -24.02 -14.78
N ARG A 316 4.18 -23.82 -16.04
CA ARG A 316 3.22 -23.81 -17.14
C ARG A 316 2.44 -25.11 -17.16
N LYS A 317 3.13 -26.21 -16.90
CA LYS A 317 2.48 -27.52 -16.92
C LYS A 317 1.64 -27.74 -15.68
N THR A 318 2.16 -27.36 -14.51
CA THR A 318 1.39 -27.45 -13.27
C THR A 318 0.07 -26.67 -13.38
N ALA A 319 0.14 -25.42 -13.82
CA ALA A 319 -1.08 -24.62 -13.85
C ALA A 319 -2.06 -25.18 -14.88
N ALA A 320 -1.58 -25.59 -16.06
CA ALA A 320 -2.51 -26.14 -17.05
C ALA A 320 -3.20 -27.38 -16.50
N LEU A 321 -2.43 -28.27 -15.86
CA LEU A 321 -3.05 -29.49 -15.33
C LEU A 321 -4.02 -29.16 -14.19
N VAL A 322 -3.66 -28.26 -13.26
CA VAL A 322 -4.58 -27.88 -12.18
C VAL A 322 -5.84 -27.29 -12.75
N MET A 323 -5.71 -26.44 -13.78
CA MET A 323 -6.90 -25.82 -14.35
C MET A 323 -7.83 -26.85 -14.95
N ASN A 324 -7.29 -27.98 -15.41
CA ASN A 324 -8.10 -29.07 -15.97
C ASN A 324 -8.30 -30.21 -14.97
N ILE A 325 -8.23 -29.95 -13.66
CA ILE A 325 -8.31 -31.03 -12.69
C ILE A 325 -9.70 -31.68 -12.64
N ASP A 326 -10.77 -30.94 -12.98
CA ASP A 326 -12.08 -31.59 -13.06
C ASP A 326 -12.07 -32.73 -14.09
N ASP A 327 -11.44 -32.50 -15.23
CA ASP A 327 -11.35 -33.57 -16.23
C ASP A 327 -10.53 -34.76 -15.69
N MET A 328 -9.46 -34.49 -14.95
CA MET A 328 -8.69 -35.57 -14.34
C MET A 328 -9.54 -36.36 -13.35
N SER A 329 -10.32 -35.65 -12.54
CA SER A 329 -11.22 -36.30 -11.58
C SER A 329 -12.25 -37.15 -12.30
N LYS A 330 -12.87 -36.61 -13.36
CA LYS A 330 -13.85 -37.41 -14.08
C LYS A 330 -13.21 -38.66 -14.68
N ARG A 331 -11.99 -38.53 -15.20
CA ARG A 331 -11.33 -39.67 -15.79
C ARG A 331 -11.00 -40.71 -14.73
N LEU A 332 -10.61 -40.26 -13.54
CA LEU A 332 -10.32 -41.21 -12.47
C LEU A 332 -11.59 -41.96 -12.06
N LYS A 333 -12.70 -41.23 -11.87
CA LYS A 333 -13.96 -41.86 -11.52
C LYS A 333 -14.42 -42.83 -12.59
N SER A 334 -14.23 -42.48 -13.87
CA SER A 334 -14.60 -43.39 -14.95
C SER A 334 -13.77 -44.68 -14.87
N LEU A 335 -12.46 -44.54 -14.62
CA LEU A 335 -11.56 -45.69 -14.54
C LEU A 335 -11.93 -46.58 -13.37
N GLU A 336 -12.31 -46.00 -12.23
CA GLU A 336 -12.74 -46.81 -11.09
C GLU A 336 -13.98 -47.61 -11.47
N ARG A 337 -14.96 -46.94 -12.09
CA ARG A 337 -16.19 -47.63 -12.46
C ARG A 337 -15.89 -48.80 -13.40
N LYS A 338 -14.95 -48.62 -14.31
CA LYS A 338 -14.63 -49.66 -15.28
C LYS A 338 -13.93 -50.84 -14.63
N VAL A 339 -12.96 -50.55 -13.77
CA VAL A 339 -12.22 -51.58 -13.06
C VAL A 339 -13.12 -52.34 -12.08
N GLY B 4 -28.74 20.38 12.92
CA GLY B 4 -28.64 18.95 12.67
C GLY B 4 -29.95 18.22 12.97
N SER B 5 -30.48 18.41 14.18
CA SER B 5 -31.65 17.65 14.60
C SER B 5 -32.86 17.96 13.72
N ILE B 6 -33.76 17.00 13.64
CA ILE B 6 -34.87 17.07 12.69
C ILE B 6 -36.06 16.36 13.30
N ARG B 7 -37.26 16.92 13.13
CA ARG B 7 -38.43 16.20 13.60
C ARG B 7 -38.65 14.94 12.78
N LEU B 8 -39.15 13.90 13.44
CA LEU B 8 -39.33 12.62 12.75
C LEU B 8 -40.26 12.75 11.54
N ALA B 9 -41.33 13.55 11.67
CA ALA B 9 -42.24 13.74 10.54
C ALA B 9 -41.53 14.36 9.35
N ASP B 10 -40.63 15.31 9.61
CA ASP B 10 -39.89 15.94 8.51
C ASP B 10 -38.89 14.97 7.91
N LEU B 11 -38.19 14.20 8.75
CA LEU B 11 -37.29 13.20 8.21
C LEU B 11 -38.04 12.20 7.36
N ALA B 12 -39.24 11.78 7.81
CA ALA B 12 -39.98 10.78 7.05
C ALA B 12 -40.38 11.32 5.68
N GLN B 13 -40.84 12.57 5.64
CA GLN B 13 -41.15 13.20 4.36
C GLN B 13 -39.93 13.19 3.44
N GLN B 14 -38.76 13.56 3.96
CA GLN B 14 -37.56 13.63 3.13
C GLN B 14 -37.13 12.27 2.61
N LEU B 15 -37.46 11.20 3.35
CA LEU B 15 -37.13 9.85 2.97
C LEU B 15 -38.25 9.17 2.19
N ASP B 16 -39.37 9.86 1.99
CA ASP B 16 -40.54 9.25 1.34
C ASP B 16 -40.97 7.99 2.08
N ALA B 17 -40.95 8.07 3.41
CA ALA B 17 -41.30 6.94 4.26
C ALA B 17 -42.67 7.16 4.89
N GLU B 18 -43.35 6.08 5.24
CA GLU B 18 -44.63 6.20 5.93
C GLU B 18 -44.38 6.17 7.43
N LEU B 19 -44.84 7.20 8.12
CA LEU B 19 -44.62 7.33 9.56
C LEU B 19 -45.71 6.62 10.34
N HIS B 20 -45.31 5.79 11.29
CA HIS B 20 -46.21 5.19 12.28
C HIS B 20 -45.67 5.57 13.64
N GLY B 21 -46.29 6.57 14.28
CA GLY B 21 -45.78 7.04 15.54
C GLY B 21 -45.77 8.55 15.58
N ASP B 22 -45.08 9.08 16.58
CA ASP B 22 -45.15 10.51 16.94
C ASP B 22 -44.21 11.32 16.04
N GLY B 23 -44.78 12.08 15.12
CA GLY B 23 -43.95 12.88 14.22
C GLY B 23 -43.20 14.01 14.89
N ASP B 24 -43.53 14.35 16.14
CA ASP B 24 -42.78 15.39 16.83
C ASP B 24 -41.51 14.89 17.52
N ILE B 25 -41.27 13.58 17.52
CA ILE B 25 -40.00 13.06 18.01
C ILE B 25 -38.85 13.79 17.35
N VAL B 26 -37.86 14.20 18.13
CA VAL B 26 -36.68 14.87 17.61
C VAL B 26 -35.58 13.85 17.43
N ILE B 27 -35.10 13.72 16.18
CA ILE B 27 -34.03 12.80 15.83
C ILE B 27 -32.73 13.59 15.72
N THR B 28 -31.70 13.13 16.44
CA THR B 28 -30.42 13.83 16.45
C THR B 28 -29.35 13.14 15.61
N GLY B 29 -29.54 11.89 15.22
CA GLY B 29 -28.47 11.15 14.60
C GLY B 29 -28.89 9.71 14.35
N VAL B 30 -28.03 9.00 13.62
CA VAL B 30 -28.22 7.60 13.26
C VAL B 30 -27.31 6.76 14.16
N ALA B 31 -27.79 5.57 14.54
CA ALA B 31 -26.98 4.62 15.29
C ALA B 31 -27.33 3.21 14.88
N SER B 32 -26.44 2.26 15.21
CA SER B 32 -26.78 0.85 15.03
C SER B 32 -27.89 0.44 16.01
N MET B 33 -28.55 -0.67 15.69
CA MET B 33 -29.61 -1.14 16.58
C MET B 33 -29.10 -1.36 18.01
N GLN B 34 -27.89 -1.94 18.14
CA GLN B 34 -27.34 -2.27 19.46
C GLN B 34 -26.94 -1.03 20.24
N SER B 35 -26.51 0.04 19.56
CA SER B 35 -26.01 1.22 20.23
C SER B 35 -27.04 2.33 20.41
N ALA B 36 -28.17 2.26 19.70
CA ALA B 36 -29.06 3.40 19.57
C ALA B 36 -29.68 3.72 20.91
N GLN B 37 -29.78 5.02 21.20
CA GLN B 37 -30.44 5.53 22.40
C GLN B 37 -31.46 6.61 22.06
N THR B 38 -32.06 7.24 23.07
CA THR B 38 -33.07 8.24 22.76
C THR B 38 -32.49 9.31 21.85
N GLY B 39 -33.30 9.74 20.89
CA GLY B 39 -32.87 10.68 19.88
C GLY B 39 -32.31 10.03 18.63
N HIS B 40 -31.97 8.75 18.68
CA HIS B 40 -31.38 8.11 17.52
C HIS B 40 -32.45 7.46 16.66
N ILE B 41 -32.19 7.44 15.35
CA ILE B 41 -32.93 6.58 14.43
C ILE B 41 -32.00 5.44 14.00
N THR B 42 -32.58 4.25 13.83
CA THR B 42 -31.82 3.11 13.33
C THR B 42 -32.65 2.40 12.26
N PHE B 43 -32.20 1.23 11.83
CA PHE B 43 -32.91 0.54 10.76
C PHE B 43 -32.77 -0.93 11.00
N MET B 44 -33.71 -1.71 10.45
CA MET B 44 -33.64 -3.16 10.51
C MET B 44 -33.73 -3.69 9.08
N VAL B 45 -32.75 -4.47 8.69
CA VAL B 45 -32.80 -5.20 7.42
C VAL B 45 -33.01 -6.68 7.60
N ASN B 46 -32.73 -7.23 8.80
CA ASN B 46 -32.80 -8.67 9.00
C ASN B 46 -33.98 -8.97 9.91
N PRO B 47 -35.03 -9.63 9.41
CA PRO B 47 -36.21 -9.88 10.23
C PRO B 47 -35.97 -10.81 11.40
N LYS B 48 -34.82 -11.48 11.50
CA LYS B 48 -34.54 -12.22 12.73
C LYS B 48 -34.50 -11.30 13.95
N TYR B 49 -34.29 -10.01 13.75
CA TYR B 49 -34.28 -9.05 14.86
C TYR B 49 -35.64 -8.52 15.27
N ARG B 50 -36.74 -9.03 14.69
CA ARG B 50 -38.06 -8.57 15.13
C ARG B 50 -38.25 -8.81 16.62
N GLU B 51 -37.89 -10.01 17.10
CA GLU B 51 -38.08 -10.35 18.51
C GLU B 51 -37.15 -9.56 19.42
N HIS B 52 -36.15 -8.88 18.84
CA HIS B 52 -35.15 -8.10 19.58
C HIS B 52 -35.51 -6.63 19.66
N LEU B 53 -36.54 -6.19 18.94
CA LEU B 53 -36.83 -4.76 18.84
C LEU B 53 -37.12 -4.11 20.21
N GLY B 54 -37.65 -4.88 21.17
CA GLY B 54 -37.87 -4.33 22.51
C GLY B 54 -36.59 -4.02 23.27
N LEU B 55 -35.46 -4.57 22.83
CA LEU B 55 -34.17 -4.25 23.44
C LEU B 55 -33.54 -3.02 22.81
N CYS B 56 -33.96 -2.62 21.60
CA CYS B 56 -33.38 -1.44 20.97
C CYS B 56 -34.02 -0.19 21.57
N GLN B 57 -33.20 0.76 21.99
CA GLN B 57 -33.71 1.98 22.60
C GLN B 57 -33.67 3.18 21.64
N ALA B 58 -33.61 2.92 20.35
CA ALA B 58 -33.76 4.01 19.37
C ALA B 58 -35.13 4.70 19.53
N SER B 59 -35.18 5.99 19.16
CA SER B 59 -36.45 6.69 19.11
C SER B 59 -37.30 6.31 17.88
N ALA B 60 -36.68 5.80 16.83
CA ALA B 60 -37.42 5.38 15.65
C ALA B 60 -36.60 4.33 14.93
N VAL B 61 -37.30 3.43 14.23
CA VAL B 61 -36.66 2.36 13.46
C VAL B 61 -37.26 2.33 12.06
N VAL B 62 -36.38 2.35 11.06
CA VAL B 62 -36.77 2.15 9.66
C VAL B 62 -36.92 0.65 9.39
N MET B 63 -38.03 0.26 8.77
CA MET B 63 -38.32 -1.17 8.58
C MET B 63 -39.29 -1.29 7.41
N THR B 64 -39.65 -2.52 7.06
CA THR B 64 -40.64 -2.75 6.02
C THR B 64 -42.04 -2.90 6.59
N GLN B 65 -43.02 -2.96 5.69
CA GLN B 65 -44.39 -3.19 6.09
C GLN B 65 -44.56 -4.56 6.79
N ASP B 66 -43.77 -5.54 6.38
CA ASP B 66 -43.86 -6.88 7.01
C ASP B 66 -43.30 -6.89 8.43
N ASP B 67 -42.41 -5.96 8.74
CA ASP B 67 -41.86 -5.80 10.08
C ASP B 67 -42.78 -5.02 11.00
N LEU B 68 -43.67 -4.19 10.45
CA LEU B 68 -44.41 -3.25 11.28
C LEU B 68 -45.12 -3.86 12.48
N PRO B 69 -45.78 -5.03 12.38
CA PRO B 69 -46.48 -5.56 13.57
C PRO B 69 -45.55 -5.85 14.73
N PHE B 70 -44.25 -5.97 14.49
CA PHE B 70 -43.24 -6.28 15.50
C PHE B 70 -42.66 -5.04 16.14
N ALA B 71 -43.07 -3.85 15.72
CA ALA B 71 -42.39 -2.66 16.18
C ALA B 71 -42.62 -2.44 17.66
N LYS B 72 -41.62 -1.85 18.31
CA LYS B 72 -41.77 -1.38 19.69
C LYS B 72 -41.23 0.02 19.83
N SER B 73 -41.53 0.84 18.82
CA SER B 73 -41.05 2.21 18.73
C SER B 73 -41.82 2.84 17.58
N ALA B 74 -41.71 4.16 17.46
CA ALA B 74 -42.10 4.80 16.20
C ALA B 74 -41.36 4.10 15.05
N ALA B 75 -42.05 3.92 13.92
CA ALA B 75 -41.49 3.20 12.79
C ALA B 75 -41.62 4.05 11.52
N LEU B 76 -40.59 4.02 10.69
CA LEU B 76 -40.68 4.51 9.31
C LEU B 76 -40.69 3.32 8.37
N VAL B 77 -41.81 3.15 7.65
CA VAL B 77 -42.01 2.01 6.76
C VAL B 77 -41.59 2.40 5.35
N VAL B 78 -40.71 1.61 4.76
CA VAL B 78 -40.17 1.86 3.42
C VAL B 78 -40.04 0.52 2.71
N LYS B 79 -39.83 0.58 1.40
CA LYS B 79 -39.57 -0.62 0.65
C LYS B 79 -38.15 -1.13 0.84
N ASN B 80 -37.18 -0.21 1.04
CA ASN B 80 -35.77 -0.57 1.01
C ASN B 80 -35.08 0.05 2.21
N PRO B 81 -35.10 -0.63 3.37
CA PRO B 81 -34.48 -0.03 4.57
C PRO B 81 -33.03 0.32 4.40
N TYR B 82 -32.27 -0.48 3.65
CA TYR B 82 -30.85 -0.22 3.51
C TYR B 82 -30.61 1.09 2.75
N LEU B 83 -31.29 1.26 1.62
CA LEU B 83 -31.14 2.51 0.88
C LEU B 83 -31.64 3.69 1.70
N THR B 84 -32.75 3.52 2.41
CA THR B 84 -33.24 4.61 3.26
C THR B 84 -32.23 4.94 4.35
N TYR B 85 -31.58 3.92 4.91
CA TYR B 85 -30.48 4.14 5.85
C TYR B 85 -29.40 5.01 5.22
N ALA B 86 -28.98 4.68 4.01
CA ALA B 86 -27.93 5.50 3.37
C ALA B 86 -28.39 6.94 3.24
N ARG B 87 -29.64 7.16 2.81
CA ARG B 87 -30.13 8.52 2.63
CA ARG B 87 -30.13 8.52 2.65
C ARG B 87 -30.25 9.26 3.97
N MET B 88 -30.75 8.58 5.02
CA MET B 88 -30.90 9.29 6.29
C MET B 88 -29.55 9.54 6.95
N ALA B 89 -28.58 8.65 6.75
CA ALA B 89 -27.23 8.92 7.24
C ALA B 89 -26.61 10.12 6.53
N GLN B 90 -26.92 10.31 5.25
CA GLN B 90 -26.46 11.54 4.60
C GLN B 90 -27.12 12.77 5.21
N ILE B 91 -28.43 12.71 5.45
CA ILE B 91 -29.16 13.84 6.04
C ILE B 91 -28.58 14.21 7.40
N LEU B 92 -28.26 13.21 8.22
CA LEU B 92 -27.80 13.40 9.58
C LEU B 92 -26.29 13.21 9.74
N ASP B 93 -25.53 13.36 8.66
CA ASP B 93 -24.10 13.05 8.70
C ASP B 93 -23.37 13.98 9.66
N THR B 94 -22.52 13.40 10.52
CA THR B 94 -21.68 14.14 11.47
C THR B 94 -20.25 14.32 10.97
N THR B 95 -19.94 13.83 9.79
CA THR B 95 -18.58 13.97 9.27
C THR B 95 -18.25 15.44 9.05
N PRO B 96 -17.13 15.93 9.56
CA PRO B 96 -16.77 17.34 9.32
C PRO B 96 -16.21 17.49 7.90
N GLN B 97 -16.05 18.75 7.48
CA GLN B 97 -15.37 19.07 6.25
C GLN B 97 -13.86 19.06 6.45
N PRO B 98 -13.09 18.73 5.39
CA PRO B 98 -11.63 18.77 5.52
C PRO B 98 -11.08 20.14 5.86
N ALA B 99 -11.80 21.22 5.52
CA ALA B 99 -11.32 22.57 5.83
C ALA B 99 -12.49 23.51 5.67
N GLN B 100 -12.32 24.72 6.20
CA GLN B 100 -13.28 25.80 5.99
C GLN B 100 -12.52 27.10 5.76
N ASN B 101 -12.90 27.87 4.74
CA ASN B 101 -12.24 29.13 4.41
C ASN B 101 -10.82 28.84 3.92
N ILE B 102 -10.02 29.88 3.75
CA ILE B 102 -8.65 29.72 3.26
C ILE B 102 -7.67 29.93 4.42
N ALA B 103 -6.89 28.91 4.74
CA ALA B 103 -6.03 28.99 5.91
C ALA B 103 -4.86 29.95 5.68
N PRO B 104 -4.52 30.79 6.65
CA PRO B 104 -3.33 31.67 6.50
C PRO B 104 -2.03 30.93 6.25
N SER B 105 -1.91 29.68 6.74
CA SER B 105 -0.68 28.91 6.54
C SER B 105 -0.65 28.16 5.21
N ALA B 106 -1.75 28.17 4.45
CA ALA B 106 -1.70 27.56 3.13
C ALA B 106 -0.83 28.44 2.23
N VAL B 107 -0.14 27.81 1.28
CA VAL B 107 0.74 28.50 0.35
C VAL B 107 0.15 28.31 -1.04
N ILE B 108 -0.30 29.41 -1.64
CA ILE B 108 -1.13 29.36 -2.84
C ILE B 108 -0.49 30.27 -3.88
N ASP B 109 -0.11 29.70 -5.01
CA ASP B 109 0.50 30.51 -6.06
C ASP B 109 -0.45 31.62 -6.52
N ALA B 110 0.16 32.77 -6.84
CA ALA B 110 -0.62 33.94 -7.29
C ALA B 110 -1.40 33.65 -8.56
N THR B 111 -0.96 32.68 -9.38
CA THR B 111 -1.66 32.40 -10.63
C THR B 111 -2.75 31.35 -10.47
N ALA B 112 -2.93 30.79 -9.27
CA ALA B 112 -4.03 29.85 -9.07
C ALA B 112 -5.36 30.59 -9.15
N LYS B 113 -6.39 29.86 -9.60
CA LYS B 113 -7.71 30.44 -9.84
C LYS B 113 -8.71 29.70 -8.96
N LEU B 114 -9.44 30.42 -8.12
CA LEU B 114 -10.41 29.81 -7.22
C LEU B 114 -11.82 30.24 -7.57
N GLY B 115 -12.73 29.29 -7.52
CA GLY B 115 -14.15 29.56 -7.63
C GLY B 115 -14.70 30.12 -6.34
N ASN B 116 -16.02 30.13 -6.24
CA ASN B 116 -16.67 30.67 -5.06
C ASN B 116 -16.69 29.63 -3.96
N ASN B 117 -16.56 30.08 -2.73
CA ASN B 117 -16.74 29.23 -1.57
C ASN B 117 -15.74 28.06 -1.54
N VAL B 118 -14.50 28.33 -1.93
CA VAL B 118 -13.45 27.32 -1.83
C VAL B 118 -12.87 27.32 -0.42
N SER B 119 -12.51 26.15 0.11
CA SER B 119 -11.83 26.08 1.40
C SER B 119 -10.51 25.36 1.19
N ILE B 120 -9.44 25.88 1.78
CA ILE B 120 -8.09 25.30 1.65
C ILE B 120 -7.49 25.20 3.05
N GLY B 121 -7.12 24.00 3.45
CA GLY B 121 -6.70 23.77 4.82
C GLY B 121 -5.26 24.18 5.12
N ALA B 122 -4.96 24.13 6.42
CA ALA B 122 -3.68 24.59 6.90
C ALA B 122 -2.52 23.86 6.22
N ASN B 123 -1.52 24.63 5.82
CA ASN B 123 -0.29 24.09 5.25
C ASN B 123 -0.48 23.36 3.93
N ALA B 124 -1.66 23.46 3.32
CA ALA B 124 -1.79 22.97 1.95
C ALA B 124 -0.96 23.83 1.01
N VAL B 125 -0.57 23.27 -0.13
CA VAL B 125 0.32 23.89 -1.09
C VAL B 125 -0.33 23.77 -2.45
N ILE B 126 -0.60 24.89 -3.10
CA ILE B 126 -1.29 24.95 -4.39
C ILE B 126 -0.35 25.61 -5.39
N GLU B 127 -0.03 24.89 -6.45
CA GLU B 127 0.97 25.35 -7.40
C GLU B 127 0.39 26.33 -8.41
N SER B 128 1.29 26.84 -9.25
CA SER B 128 0.91 27.75 -10.32
C SER B 128 -0.10 27.09 -11.26
N GLY B 129 -1.02 27.90 -11.81
CA GLY B 129 -1.93 27.43 -12.85
C GLY B 129 -3.07 26.57 -12.37
N VAL B 130 -3.16 26.26 -11.07
CA VAL B 130 -4.22 25.36 -10.59
C VAL B 130 -5.56 26.07 -10.67
N GLU B 131 -6.61 25.32 -11.01
CA GLU B 131 -7.98 25.85 -11.01
C GLU B 131 -8.78 25.02 -10.05
N LEU B 132 -9.39 25.65 -9.07
CA LEU B 132 -10.27 24.96 -8.13
C LEU B 132 -11.68 25.47 -8.35
N GLY B 133 -12.62 24.57 -8.56
CA GLY B 133 -14.01 24.91 -8.86
C GLY B 133 -14.77 25.40 -7.64
N ASP B 134 -16.02 25.84 -7.86
CA ASP B 134 -16.83 26.29 -6.76
C ASP B 134 -16.99 25.17 -5.75
N ASN B 135 -16.96 25.53 -4.47
CA ASN B 135 -17.23 24.64 -3.35
C ASN B 135 -16.18 23.55 -3.19
N VAL B 136 -15.03 23.68 -3.85
CA VAL B 136 -13.96 22.70 -3.66
C VAL B 136 -13.38 22.86 -2.27
N ILE B 137 -13.06 21.72 -1.64
CA ILE B 137 -12.38 21.72 -0.35
C ILE B 137 -11.08 20.95 -0.46
N ILE B 138 -9.98 21.60 -0.09
CA ILE B 138 -8.66 20.97 -0.09
C ILE B 138 -8.22 20.84 1.36
N GLY B 139 -7.94 19.61 1.81
CA GLY B 139 -7.60 19.39 3.21
C GLY B 139 -6.22 19.92 3.59
N ALA B 140 -5.95 19.88 4.89
CA ALA B 140 -4.66 20.34 5.40
C ALA B 140 -3.54 19.51 4.79
N GLY B 141 -2.40 20.17 4.52
CA GLY B 141 -1.22 19.41 4.12
C GLY B 141 -1.25 18.84 2.71
N CYS B 142 -2.30 19.10 1.93
CA CYS B 142 -2.32 18.59 0.57
C CYS B 142 -1.30 19.31 -0.31
N PHE B 143 -0.96 18.68 -1.42
CA PHE B 143 -0.24 19.32 -2.51
C PHE B 143 -1.04 19.16 -3.78
N VAL B 144 -1.20 20.25 -4.55
CA VAL B 144 -1.87 20.21 -5.84
C VAL B 144 -0.91 20.81 -6.87
N GLY B 145 -0.45 19.98 -7.80
CA GLY B 145 0.64 20.36 -8.69
C GLY B 145 0.21 21.27 -9.86
N LYS B 146 1.24 21.71 -10.61
CA LYS B 146 1.06 22.78 -11.61
C LYS B 146 -0.04 22.44 -12.62
N ASN B 147 -0.93 23.43 -12.85
CA ASN B 147 -1.94 23.38 -13.90
C ASN B 147 -3.02 22.34 -13.67
N SER B 148 -3.10 21.75 -12.48
CA SER B 148 -4.14 20.76 -12.25
C SER B 148 -5.49 21.46 -12.00
N LYS B 149 -6.57 20.75 -12.31
CA LYS B 149 -7.93 21.31 -12.29
C LYS B 149 -8.81 20.36 -11.51
N ILE B 150 -9.51 20.91 -10.51
CA ILE B 150 -10.38 20.14 -9.62
C ILE B 150 -11.78 20.76 -9.73
N GLY B 151 -12.75 19.94 -10.12
CA GLY B 151 -14.07 20.47 -10.45
C GLY B 151 -14.91 20.76 -9.24
N ALA B 152 -16.04 21.46 -9.49
CA ALA B 152 -16.85 21.95 -8.39
C ALA B 152 -17.29 20.83 -7.45
N GLY B 153 -17.28 21.15 -6.16
CA GLY B 153 -17.79 20.25 -5.15
C GLY B 153 -16.84 19.13 -4.75
N SER B 154 -15.71 19.01 -5.42
CA SER B 154 -14.81 17.92 -5.06
C SER B 154 -14.03 18.26 -3.80
N ARG B 155 -13.71 17.23 -3.03
CA ARG B 155 -13.07 17.39 -1.74
C ARG B 155 -11.91 16.43 -1.60
N LEU B 156 -10.80 16.96 -1.09
CA LEU B 156 -9.64 16.15 -0.72
C LEU B 156 -9.50 16.21 0.79
N TRP B 157 -9.31 15.05 1.41
CA TRP B 157 -8.96 15.01 2.82
C TRP B 157 -7.51 15.46 3.04
N ALA B 158 -7.05 15.38 4.28
CA ALA B 158 -5.70 15.89 4.56
C ALA B 158 -4.65 15.03 3.87
N ASN B 159 -3.54 15.66 3.53
CA ASN B 159 -2.36 14.90 3.10
C ASN B 159 -2.64 14.06 1.84
N VAL B 160 -3.37 14.64 0.88
CA VAL B 160 -3.51 14.08 -0.48
C VAL B 160 -2.53 14.78 -1.41
N THR B 161 -1.88 14.03 -2.29
CA THR B 161 -0.95 14.58 -3.27
C THR B 161 -1.52 14.44 -4.66
N ILE B 162 -1.72 15.57 -5.34
CA ILE B 162 -2.13 15.62 -6.75
C ILE B 162 -0.94 16.21 -7.50
N TYR B 163 -0.43 15.50 -8.51
CA TYR B 163 0.70 16.02 -9.29
C TYR B 163 0.19 17.06 -10.28
N HIS B 164 1.02 17.38 -11.26
CA HIS B 164 0.74 18.42 -12.26
C HIS B 164 -0.13 17.85 -13.40
N GLU B 165 -0.87 18.76 -14.07
CA GLU B 165 -1.65 18.46 -15.27
C GLU B 165 -2.72 17.39 -15.02
N ILE B 166 -3.24 17.30 -13.76
CA ILE B 166 -4.28 16.32 -13.45
C ILE B 166 -5.65 16.99 -13.58
N GLN B 167 -6.64 16.24 -14.06
CA GLN B 167 -8.00 16.76 -14.13
C GLN B 167 -8.89 15.88 -13.28
N ILE B 168 -9.63 16.48 -12.36
CA ILE B 168 -10.60 15.84 -11.50
C ILE B 168 -11.94 16.54 -11.70
N GLY B 169 -13.00 15.73 -11.84
CA GLY B 169 -14.34 16.23 -12.12
C GLY B 169 -15.04 16.73 -10.88
N GLN B 170 -16.39 16.77 -10.95
CA GLN B 170 -17.17 17.36 -9.89
C GLN B 170 -17.57 16.34 -8.87
N ASN B 171 -17.70 16.79 -7.62
CA ASN B 171 -18.29 15.96 -6.56
C ASN B 171 -17.50 14.69 -6.30
N CYS B 172 -16.18 14.78 -6.48
CA CYS B 172 -15.31 13.67 -6.12
C CYS B 172 -14.91 13.73 -4.63
N LEU B 173 -14.41 12.62 -4.12
CA LEU B 173 -13.93 12.58 -2.74
C LEU B 173 -12.68 11.74 -2.71
N ILE B 174 -11.57 12.30 -2.20
CA ILE B 174 -10.32 11.55 -2.14
C ILE B 174 -9.86 11.50 -0.69
N GLN B 175 -9.60 10.31 -0.19
CA GLN B 175 -9.18 10.14 1.20
C GLN B 175 -7.64 10.34 1.31
N SER B 176 -7.21 10.54 2.56
CA SER B 176 -5.82 10.91 2.85
C SER B 176 -4.79 9.89 2.37
N GLY B 177 -3.59 10.41 2.07
CA GLY B 177 -2.48 9.55 1.73
C GLY B 177 -2.47 9.13 0.28
N THR B 178 -3.52 9.43 -0.47
CA THR B 178 -3.59 9.04 -1.86
C THR B 178 -2.70 9.93 -2.71
N VAL B 179 -2.15 9.35 -3.79
CA VAL B 179 -1.26 10.05 -4.69
C VAL B 179 -1.80 9.86 -6.09
N VAL B 180 -2.14 10.97 -6.75
CA VAL B 180 -2.69 10.94 -8.10
C VAL B 180 -1.73 11.65 -9.04
N GLY B 181 -1.18 10.89 -9.99
CA GLY B 181 -0.37 11.46 -11.07
C GLY B 181 1.12 11.26 -10.92
N ALA B 182 1.58 10.34 -10.06
CA ALA B 182 3.02 10.08 -10.03
C ALA B 182 3.46 9.42 -11.34
N ASP B 183 4.76 9.43 -11.60
CA ASP B 183 5.25 8.81 -12.84
C ASP B 183 4.87 7.34 -12.90
N GLY B 184 4.45 6.89 -14.09
CA GLY B 184 4.34 5.46 -14.37
C GLY B 184 5.71 4.82 -14.41
N PHE B 185 5.70 3.50 -14.38
CA PHE B 185 6.91 2.70 -14.23
C PHE B 185 7.51 2.46 -15.62
N GLY B 186 8.05 3.53 -16.20
CA GLY B 186 8.48 3.47 -17.59
C GLY B 186 9.97 3.65 -17.79
N TYR B 187 10.65 2.65 -18.37
CA TYR B 187 12.11 2.70 -18.54
C TYR B 187 12.46 1.99 -19.84
N ALA B 188 13.48 2.51 -20.54
CA ALA B 188 14.09 1.82 -21.68
C ALA B 188 15.40 1.18 -21.21
N ASN B 189 16.03 0.43 -22.13
CA ASN B 189 17.26 -0.32 -21.86
C ASN B 189 18.34 0.17 -22.82
N ASP B 190 19.40 0.77 -22.26
CA ASP B 190 20.58 1.19 -23.06
C ASP B 190 21.73 0.28 -22.65
N ARG B 191 21.92 -0.82 -23.38
CA ARG B 191 23.08 -1.70 -23.16
C ARG B 191 23.18 -2.13 -21.70
N GLY B 192 22.05 -2.41 -21.07
CA GLY B 192 21.98 -2.86 -19.70
C GLY B 192 21.84 -1.76 -18.65
N ASN B 193 21.66 -0.52 -19.06
CA ASN B 193 21.35 0.56 -18.13
C ASN B 193 19.89 0.98 -18.30
N TRP B 194 19.16 1.11 -17.20
CA TRP B 194 17.83 1.67 -17.26
C TRP B 194 17.90 3.14 -17.64
N VAL B 195 17.01 3.54 -18.53
CA VAL B 195 16.89 4.92 -18.99
C VAL B 195 15.47 5.36 -18.70
N LYS B 196 15.31 6.38 -17.88
CA LYS B 196 13.95 6.81 -17.54
C LYS B 196 13.22 7.33 -18.77
N ILE B 197 11.97 6.91 -18.92
CA ILE B 197 11.08 7.50 -19.91
C ILE B 197 10.22 8.51 -19.18
N PRO B 198 10.38 9.81 -19.44
CA PRO B 198 9.47 10.81 -18.83
C PRO B 198 8.02 10.45 -19.10
N GLN B 199 7.17 10.63 -18.08
CA GLN B 199 5.77 10.19 -18.14
C GLN B 199 4.98 11.47 -18.28
N ILE B 200 4.69 11.83 -19.53
CA ILE B 200 4.14 13.15 -19.82
C ILE B 200 2.67 13.11 -20.18
N GLY B 201 2.02 11.94 -20.07
CA GLY B 201 0.58 11.85 -20.09
C GLY B 201 0.06 12.33 -18.73
N ARG B 202 -1.25 12.15 -18.54
CA ARG B 202 -1.90 12.72 -17.36
C ARG B 202 -2.78 11.68 -16.66
N VAL B 203 -3.54 12.12 -15.66
CA VAL B 203 -4.67 11.36 -15.14
C VAL B 203 -5.91 12.23 -15.33
N ILE B 204 -6.99 11.61 -15.82
CA ILE B 204 -8.28 12.27 -15.95
C ILE B 204 -9.26 11.48 -15.11
N ILE B 205 -9.82 12.11 -14.08
CA ILE B 205 -10.79 11.50 -13.20
C ILE B 205 -12.13 12.17 -13.47
N GLY B 206 -13.18 11.35 -13.65
CA GLY B 206 -14.51 11.86 -13.96
C GLY B 206 -15.22 12.46 -12.78
N ASP B 207 -16.56 12.54 -12.89
CA ASP B 207 -17.40 13.06 -11.82
C ASP B 207 -17.80 11.97 -10.82
N ARG B 208 -17.99 12.34 -9.55
CA ARG B 208 -18.56 11.46 -8.55
C ARG B 208 -17.69 10.23 -8.33
N VAL B 209 -16.38 10.43 -8.39
CA VAL B 209 -15.44 9.36 -8.12
C VAL B 209 -15.02 9.46 -6.66
N GLU B 210 -14.98 8.35 -5.96
CA GLU B 210 -14.48 8.25 -4.60
C GLU B 210 -13.26 7.34 -4.55
N ILE B 211 -12.17 7.87 -4.00
CA ILE B 211 -10.91 7.13 -3.93
C ILE B 211 -10.49 7.02 -2.47
N GLY B 212 -10.15 5.81 -2.04
CA GLY B 212 -9.75 5.55 -0.67
C GLY B 212 -8.38 6.11 -0.36
N ALA B 213 -7.87 5.65 0.80
CA ALA B 213 -6.65 6.15 1.42
C ALA B 213 -5.45 5.32 0.98
N CYS B 214 -4.32 6.01 0.79
CA CYS B 214 -3.07 5.40 0.33
C CYS B 214 -3.26 4.63 -0.98
N THR B 215 -4.09 5.13 -1.86
CA THR B 215 -4.20 4.58 -3.20
C THR B 215 -3.32 5.40 -4.11
N THR B 216 -2.73 4.73 -5.11
CA THR B 216 -1.87 5.45 -6.06
C THR B 216 -2.43 5.27 -7.47
N ILE B 217 -2.49 6.36 -8.24
CA ILE B 217 -3.00 6.33 -9.61
C ILE B 217 -1.97 7.05 -10.45
N ASP B 218 -1.20 6.31 -11.24
CA ASP B 218 -0.08 6.93 -11.95
C ASP B 218 -0.53 7.62 -13.24
N ARG B 219 0.20 8.67 -13.63
CA ARG B 219 -0.05 9.35 -14.91
C ARG B 219 0.39 8.47 -16.07
N GLY B 220 -0.16 8.76 -17.26
CA GLY B 220 0.20 8.00 -18.44
C GLY B 220 1.55 8.39 -18.99
N ALA B 221 2.06 7.54 -19.89
CA ALA B 221 3.39 7.80 -20.47
C ALA B 221 3.34 8.93 -21.51
N LEU B 222 2.30 8.92 -22.36
CA LEU B 222 2.11 9.95 -23.39
C LEU B 222 0.64 10.36 -23.43
N ASP B 223 -0.23 9.40 -23.56
CA ASP B 223 -1.66 9.58 -23.37
C ASP B 223 -2.00 9.29 -21.91
N ASP B 224 -3.29 9.21 -21.56
CA ASP B 224 -3.72 9.42 -20.18
C ASP B 224 -4.24 8.16 -19.50
N THR B 225 -4.08 8.11 -18.19
CA THR B 225 -4.83 7.23 -17.32
C THR B 225 -6.18 7.87 -17.10
N ILE B 226 -7.26 7.07 -17.19
CA ILE B 226 -8.63 7.58 -17.19
C ILE B 226 -9.48 6.82 -16.19
N ILE B 227 -10.13 7.54 -15.28
CA ILE B 227 -11.07 6.94 -14.34
C ILE B 227 -12.43 7.51 -14.68
N GLY B 228 -13.39 6.65 -15.00
CA GLY B 228 -14.71 7.09 -15.42
C GLY B 228 -15.53 7.68 -14.29
N ASN B 229 -16.72 8.14 -14.65
CA ASN B 229 -17.64 8.72 -13.69
C ASN B 229 -18.20 7.67 -12.75
N GLY B 230 -18.42 8.04 -11.48
CA GLY B 230 -19.13 7.15 -10.58
C GLY B 230 -18.33 5.97 -10.11
N VAL B 231 -17.04 5.93 -10.41
CA VAL B 231 -16.17 4.84 -9.99
C VAL B 231 -15.88 4.98 -8.50
N ILE B 232 -15.82 3.87 -7.79
CA ILE B 232 -15.46 3.81 -6.38
C ILE B 232 -14.24 2.91 -6.22
N ILE B 233 -13.19 3.43 -5.57
CA ILE B 233 -11.92 2.74 -5.42
C ILE B 233 -11.55 2.78 -3.94
N ASP B 234 -11.25 1.62 -3.36
CA ASP B 234 -10.98 1.50 -1.92
C ASP B 234 -9.51 1.87 -1.63
N ASN B 235 -9.05 1.52 -0.43
CA ASN B 235 -7.71 1.87 0.04
C ASN B 235 -6.65 0.98 -0.60
N GLN B 236 -5.42 1.48 -0.65
CA GLN B 236 -4.24 0.68 -0.94
C GLN B 236 -4.30 0.07 -2.34
N CYS B 237 -5.05 0.68 -3.25
CA CYS B 237 -5.09 0.24 -4.63
C CYS B 237 -3.98 0.87 -5.44
N GLN B 238 -3.56 0.18 -6.48
CA GLN B 238 -2.53 0.67 -7.37
C GLN B 238 -3.07 0.64 -8.78
N ILE B 239 -3.22 1.79 -9.40
CA ILE B 239 -3.69 1.91 -10.76
C ILE B 239 -2.52 2.42 -11.60
N ALA B 240 -1.95 1.59 -12.45
CA ALA B 240 -0.74 1.90 -13.21
C ALA B 240 -1.03 2.89 -14.35
N HIS B 241 0.05 3.35 -14.97
CA HIS B 241 -0.08 4.28 -16.09
C HIS B 241 -0.96 3.70 -17.19
N ASN B 242 -1.78 4.56 -17.78
CA ASN B 242 -2.55 4.23 -18.96
C ASN B 242 -3.65 3.22 -18.71
N VAL B 243 -3.98 2.93 -17.46
CA VAL B 243 -5.20 2.16 -17.16
C VAL B 243 -6.41 3.03 -17.46
N VAL B 244 -7.45 2.39 -17.97
CA VAL B 244 -8.74 3.04 -18.20
C VAL B 244 -9.79 2.24 -17.45
N ILE B 245 -10.57 2.91 -16.59
CA ILE B 245 -11.63 2.26 -15.82
C ILE B 245 -12.98 2.84 -16.19
N GLY B 246 -13.94 1.97 -16.56
CA GLY B 246 -15.22 2.45 -17.04
C GLY B 246 -16.17 2.90 -15.94
N ASP B 247 -17.19 3.66 -16.34
CA ASP B 247 -18.11 4.25 -15.38
C ASP B 247 -18.69 3.22 -14.42
N ASN B 248 -18.88 3.63 -13.17
CA ASN B 248 -19.58 2.87 -12.13
C ASN B 248 -18.89 1.60 -11.68
N THR B 249 -17.66 1.36 -12.11
CA THR B 249 -16.93 0.20 -11.65
C THR B 249 -16.50 0.41 -10.20
N ALA B 250 -16.48 -0.67 -9.44
CA ALA B 250 -16.03 -0.64 -8.07
C ALA B 250 -14.79 -1.49 -7.94
N VAL B 251 -13.77 -0.97 -7.26
CA VAL B 251 -12.51 -1.67 -7.02
C VAL B 251 -12.27 -1.69 -5.51
N ALA B 252 -12.23 -2.88 -4.91
CA ALA B 252 -12.11 -3.05 -3.47
C ALA B 252 -10.64 -2.94 -3.05
N GLY B 253 -10.37 -3.09 -1.77
CA GLY B 253 -9.07 -2.68 -1.25
C GLY B 253 -7.93 -3.53 -1.76
N GLY B 254 -6.77 -2.87 -1.93
CA GLY B 254 -5.55 -3.62 -2.20
C GLY B 254 -5.44 -4.22 -3.59
N VAL B 255 -6.25 -3.78 -4.55
CA VAL B 255 -6.16 -4.31 -5.92
C VAL B 255 -4.99 -3.65 -6.62
N ILE B 256 -4.25 -4.43 -7.39
CA ILE B 256 -3.17 -3.90 -8.21
C ILE B 256 -3.53 -4.11 -9.67
N MET B 257 -3.41 -3.05 -10.47
CA MET B 257 -3.72 -3.08 -11.90
C MET B 257 -2.48 -2.63 -12.65
N ALA B 258 -2.00 -3.47 -13.57
CA ALA B 258 -0.79 -3.18 -14.31
C ALA B 258 -1.10 -2.28 -15.52
N GLY B 259 -0.03 -1.81 -16.15
CA GLY B 259 -0.17 -0.75 -17.15
C GLY B 259 -1.02 -1.15 -18.33
N SER B 260 -1.81 -0.19 -18.80
CA SER B 260 -2.56 -0.31 -20.05
C SER B 260 -3.70 -1.32 -19.95
N LEU B 261 -4.10 -1.71 -18.75
CA LEU B 261 -5.36 -2.43 -18.60
C LEU B 261 -6.55 -1.53 -18.92
N LYS B 262 -7.56 -2.10 -19.61
CA LYS B 262 -8.84 -1.40 -19.79
C LYS B 262 -9.91 -2.24 -19.10
N ILE B 263 -10.62 -1.64 -18.14
CA ILE B 263 -11.76 -2.28 -17.46
C ILE B 263 -13.03 -1.55 -17.87
N GLY B 264 -14.09 -2.33 -18.19
CA GLY B 264 -15.35 -1.75 -18.62
C GLY B 264 -16.18 -1.14 -17.50
N ARG B 265 -17.46 -0.92 -17.82
CA ARG B 265 -18.42 -0.32 -16.90
C ARG B 265 -19.05 -1.39 -16.02
N TYR B 266 -19.47 -0.96 -14.83
CA TYR B 266 -20.26 -1.81 -13.94
C TYR B 266 -19.52 -3.07 -13.55
N CYS B 267 -18.18 -3.01 -13.46
CA CYS B 267 -17.42 -4.16 -13.01
C CYS B 267 -17.25 -4.09 -11.50
N MET B 268 -16.90 -5.23 -10.91
CA MET B 268 -16.71 -5.30 -9.45
C MET B 268 -15.45 -6.10 -9.22
N ILE B 269 -14.37 -5.44 -8.77
CA ILE B 269 -13.09 -6.11 -8.62
C ILE B 269 -12.82 -6.33 -7.14
N GLY B 270 -12.76 -7.58 -6.74
CA GLY B 270 -12.68 -7.92 -5.34
C GLY B 270 -11.30 -7.63 -4.75
N GLY B 271 -11.28 -7.52 -3.43
CA GLY B 271 -10.07 -7.04 -2.76
C GLY B 271 -8.90 -7.95 -3.04
N ALA B 272 -7.71 -7.33 -3.10
CA ALA B 272 -6.43 -8.02 -3.23
C ALA B 272 -6.25 -8.71 -4.58
N SER B 273 -7.13 -8.44 -5.56
CA SER B 273 -6.92 -9.02 -6.89
C SER B 273 -5.71 -8.39 -7.55
N VAL B 274 -5.16 -9.12 -8.53
CA VAL B 274 -4.01 -8.69 -9.32
C VAL B 274 -4.42 -8.79 -10.78
N ILE B 275 -4.44 -7.65 -11.47
CA ILE B 275 -4.94 -7.60 -12.85
C ILE B 275 -3.80 -7.18 -13.76
N ASN B 276 -3.37 -8.10 -14.62
CA ASN B 276 -2.31 -7.80 -15.56
C ASN B 276 -2.77 -6.85 -16.64
N GLY B 277 -1.79 -6.32 -17.39
CA GLY B 277 -2.01 -5.17 -18.25
C GLY B 277 -2.07 -5.54 -19.73
N HIS B 278 -2.12 -4.50 -20.57
CA HIS B 278 -2.23 -4.69 -22.04
C HIS B 278 -3.33 -5.68 -22.40
N MET B 279 -4.47 -5.54 -21.74
CA MET B 279 -5.61 -6.40 -22.03
C MET B 279 -6.87 -5.69 -21.57
N GLU B 280 -8.01 -6.30 -21.90
CA GLU B 280 -9.30 -5.68 -21.64
C GLU B 280 -10.20 -6.62 -20.88
N ILE B 281 -10.98 -6.02 -19.97
CA ILE B 281 -12.05 -6.70 -19.24
C ILE B 281 -13.34 -5.99 -19.67
N CYS B 282 -14.31 -6.77 -20.15
CA CYS B 282 -15.53 -6.19 -20.69
C CYS B 282 -16.43 -5.69 -19.54
N ASP B 283 -17.56 -5.09 -19.92
CA ASP B 283 -18.52 -4.60 -18.91
C ASP B 283 -19.10 -5.75 -18.09
N LYS B 284 -19.53 -5.43 -16.86
CA LYS B 284 -20.32 -6.34 -16.02
C LYS B 284 -19.57 -7.61 -15.68
N VAL B 285 -18.29 -7.44 -15.35
CA VAL B 285 -17.45 -8.55 -14.88
C VAL B 285 -17.25 -8.38 -13.38
N THR B 286 -17.40 -9.48 -12.64
CA THR B 286 -16.99 -9.54 -11.24
C THR B 286 -15.80 -10.47 -11.11
N VAL B 287 -14.74 -9.96 -10.52
CA VAL B 287 -13.57 -10.77 -10.15
C VAL B 287 -13.61 -10.92 -8.65
N THR B 288 -13.68 -12.15 -8.15
CA THR B 288 -13.70 -12.32 -6.70
C THR B 288 -12.33 -12.04 -6.08
N GLY B 289 -12.33 -11.86 -4.77
CA GLY B 289 -11.12 -11.42 -4.09
C GLY B 289 -9.91 -12.28 -4.35
N MET B 290 -8.74 -11.62 -4.43
CA MET B 290 -7.46 -12.26 -4.69
C MET B 290 -7.38 -12.88 -6.09
N GLY B 291 -8.21 -12.45 -7.04
CA GLY B 291 -8.20 -13.08 -8.37
C GLY B 291 -6.92 -12.74 -9.09
N MET B 292 -6.37 -13.74 -9.79
CA MET B 292 -5.13 -13.58 -10.56
C MET B 292 -5.53 -13.54 -12.02
N VAL B 293 -5.60 -12.35 -12.59
CA VAL B 293 -6.16 -12.15 -13.93
C VAL B 293 -5.00 -12.03 -14.91
N MET B 294 -4.81 -13.08 -15.72
CA MET B 294 -3.73 -13.15 -16.68
C MET B 294 -4.18 -12.98 -18.12
N ARG B 295 -5.47 -13.09 -18.42
CA ARG B 295 -5.98 -13.07 -19.79
C ARG B 295 -7.16 -12.14 -19.87
N PRO B 296 -7.47 -11.63 -21.06
CA PRO B 296 -8.64 -10.75 -21.21
C PRO B 296 -9.92 -11.48 -20.83
N ILE B 297 -10.90 -10.69 -20.39
CA ILE B 297 -12.23 -11.22 -20.07
C ILE B 297 -13.22 -10.61 -21.05
N THR B 298 -13.87 -11.47 -21.87
CA THR B 298 -14.67 -11.00 -22.99
C THR B 298 -16.15 -11.22 -22.80
N GLU B 299 -16.56 -11.92 -21.72
CA GLU B 299 -17.97 -12.18 -21.46
C GLU B 299 -18.29 -11.73 -20.04
N PRO B 300 -19.43 -11.08 -19.83
CA PRO B 300 -19.82 -10.72 -18.48
C PRO B 300 -19.97 -11.96 -17.60
N GLY B 301 -19.84 -11.74 -16.29
CA GLY B 301 -20.09 -12.78 -15.32
C GLY B 301 -19.06 -12.74 -14.22
N VAL B 302 -18.99 -13.84 -13.45
CA VAL B 302 -18.19 -13.92 -12.22
C VAL B 302 -17.01 -14.86 -12.45
N TYR B 303 -15.84 -14.41 -12.05
CA TYR B 303 -14.59 -15.14 -12.32
C TYR B 303 -13.80 -15.16 -11.04
N SER B 304 -13.07 -16.26 -10.81
CA SER B 304 -12.39 -16.50 -9.54
C SER B 304 -11.10 -17.28 -9.72
N SER B 305 -10.21 -17.15 -8.72
CA SER B 305 -9.02 -18.01 -8.64
C SER B 305 -8.63 -18.17 -7.18
N GLY B 306 -7.71 -19.09 -6.96
CA GLY B 306 -6.99 -19.24 -5.69
C GLY B 306 -7.41 -20.49 -4.94
N ILE B 307 -6.43 -21.12 -4.30
CA ILE B 307 -6.69 -22.31 -3.48
C ILE B 307 -6.71 -21.86 -2.02
N PRO B 308 -7.83 -22.00 -1.31
CA PRO B 308 -7.95 -21.44 0.04
C PRO B 308 -7.19 -22.22 1.13
N LEU B 309 -7.24 -21.65 2.34
CA LEU B 309 -6.49 -22.11 3.48
C LEU B 309 -6.84 -23.54 3.89
N GLN B 310 -5.85 -24.22 4.43
CA GLN B 310 -6.00 -25.50 5.10
C GLN B 310 -5.07 -25.54 6.30
N PRO B 311 -5.30 -26.44 7.24
CA PRO B 311 -4.30 -26.62 8.30
C PRO B 311 -2.94 -26.85 7.67
N ASN B 312 -1.90 -26.29 8.30
CA ASN B 312 -0.57 -26.34 7.73
C ASN B 312 -0.12 -27.74 7.33
N LYS B 313 -0.37 -28.76 8.16
CA LYS B 313 0.09 -30.10 7.79
C LYS B 313 -0.63 -30.62 6.55
N VAL B 314 -1.91 -30.28 6.39
CA VAL B 314 -2.69 -30.64 5.21
C VAL B 314 -2.20 -29.86 3.99
N TRP B 315 -1.96 -28.56 4.18
CA TRP B 315 -1.48 -27.73 3.07
C TRP B 315 -0.14 -28.25 2.56
N ARG B 316 0.76 -28.64 3.46
CA ARG B 316 2.08 -29.11 2.99
C ARG B 316 1.90 -30.26 2.00
N LYS B 317 0.96 -31.17 2.29
CA LYS B 317 0.75 -32.30 1.39
C LYS B 317 0.04 -31.87 0.11
N THR B 318 -0.96 -31.00 0.22
CA THR B 318 -1.64 -30.47 -0.97
C THR B 318 -0.64 -29.81 -1.92
N ALA B 319 0.21 -28.94 -1.38
CA ALA B 319 1.15 -28.22 -2.23
C ALA B 319 2.13 -29.18 -2.88
N ALA B 320 2.65 -30.13 -2.12
CA ALA B 320 3.59 -31.12 -2.70
C ALA B 320 2.94 -31.91 -3.83
N LEU B 321 1.72 -32.39 -3.61
CA LEU B 321 1.02 -33.16 -4.65
C LEU B 321 0.73 -32.29 -5.88
N VAL B 322 0.26 -31.05 -5.68
CA VAL B 322 0.02 -30.16 -6.83
C VAL B 322 1.32 -29.91 -7.59
N MET B 323 2.40 -29.63 -6.87
CA MET B 323 3.64 -29.35 -7.58
C MET B 323 4.11 -30.53 -8.41
N ASN B 324 3.70 -31.74 -8.03
CA ASN B 324 4.03 -32.98 -8.74
C ASN B 324 2.87 -33.51 -9.59
N ILE B 325 1.94 -32.64 -9.99
CA ILE B 325 0.75 -33.12 -10.68
C ILE B 325 1.06 -33.67 -12.06
N ASP B 326 2.13 -33.24 -12.72
CA ASP B 326 2.49 -33.84 -14.01
C ASP B 326 2.72 -35.32 -13.87
N ASP B 327 3.35 -35.75 -12.77
CA ASP B 327 3.53 -37.18 -12.58
C ASP B 327 2.20 -37.90 -12.33
N MET B 328 1.28 -37.27 -11.61
CA MET B 328 -0.04 -37.84 -11.44
C MET B 328 -0.75 -37.97 -12.78
N SER B 329 -0.64 -36.95 -13.63
CA SER B 329 -1.26 -37.02 -14.95
C SER B 329 -0.68 -38.16 -15.79
N LYS B 330 0.63 -38.34 -15.77
CA LYS B 330 1.24 -39.42 -16.54
C LYS B 330 0.78 -40.77 -16.03
N ARG B 331 0.67 -40.92 -14.71
CA ARG B 331 0.22 -42.16 -14.12
C ARG B 331 -1.22 -42.46 -14.49
N LEU B 332 -2.08 -41.44 -14.51
CA LEU B 332 -3.46 -41.67 -14.90
C LEU B 332 -3.55 -42.11 -16.35
N LYS B 333 -2.77 -41.46 -17.22
CA LYS B 333 -2.81 -41.84 -18.64
C LYS B 333 -2.33 -43.26 -18.85
N SER B 334 -1.27 -43.67 -18.14
CA SER B 334 -0.78 -45.04 -18.26
CA SER B 334 -0.77 -45.03 -18.26
C SER B 334 -1.82 -46.05 -17.78
N LEU B 335 -2.51 -45.73 -16.70
CA LEU B 335 -3.53 -46.62 -16.18
C LEU B 335 -4.70 -46.72 -17.16
N GLU B 336 -5.06 -45.59 -17.80
CA GLU B 336 -6.12 -45.64 -18.81
C GLU B 336 -5.76 -46.59 -19.94
N ARG B 337 -4.50 -46.52 -20.43
CA ARG B 337 -4.10 -47.41 -21.51
C ARG B 337 -4.18 -48.87 -21.10
N LYS B 338 -3.87 -49.19 -19.84
CA LYS B 338 -3.99 -50.57 -19.39
C LYS B 338 -5.45 -51.00 -19.34
N VAL B 339 -6.32 -50.14 -18.81
CA VAL B 339 -7.74 -50.48 -18.73
C VAL B 339 -8.34 -50.60 -20.12
N ASN B 340 -7.81 -49.87 -21.10
CA ASN B 340 -8.28 -49.95 -22.48
C ASN B 340 -7.65 -51.08 -23.23
N GLN B 341 -6.96 -51.99 -22.53
CA GLN B 341 -6.34 -53.16 -23.14
C GLN B 341 -5.28 -52.83 -24.18
N GLN B 342 -4.60 -51.71 -24.03
CA GLN B 342 -3.60 -51.31 -25.03
C GLN B 342 -2.16 -51.30 -24.49
N GLY C 4 10.83 23.16 -24.13
CA GLY C 4 11.62 24.15 -24.88
C GLY C 4 11.82 23.72 -26.34
N SER C 5 11.47 24.59 -27.28
CA SER C 5 11.48 24.22 -28.68
C SER C 5 12.90 24.03 -29.21
N ILE C 6 13.03 23.15 -30.19
CA ILE C 6 14.34 22.80 -30.75
C ILE C 6 14.18 22.56 -32.25
N ARG C 7 15.16 23.01 -33.03
CA ARG C 7 15.16 22.73 -34.47
C ARG C 7 15.41 21.24 -34.69
N LEU C 8 14.73 20.68 -35.69
CA LEU C 8 14.83 19.22 -35.92
C LEU C 8 16.27 18.79 -36.19
N ALA C 9 17.05 19.61 -36.90
CA ALA C 9 18.43 19.24 -37.17
C ALA C 9 19.26 19.17 -35.89
N ASP C 10 18.99 20.08 -34.95
CA ASP C 10 19.72 20.09 -33.68
C ASP C 10 19.28 18.92 -32.80
N LEU C 11 17.98 18.61 -32.82
CA LEU C 11 17.53 17.44 -32.08
C LEU C 11 18.13 16.17 -32.67
N ALA C 12 18.21 16.10 -34.00
CA ALA C 12 18.80 14.92 -34.62
C ALA C 12 20.26 14.75 -34.21
N GLN C 13 21.01 15.86 -34.13
CA GLN C 13 22.41 15.74 -33.71
C GLN C 13 22.53 15.24 -32.27
N GLN C 14 21.71 15.77 -31.37
CA GLN C 14 21.75 15.34 -29.97
C GLN C 14 21.35 13.88 -29.83
N LEU C 15 20.53 13.38 -30.76
CA LEU C 15 20.12 11.97 -30.73
C LEU C 15 21.03 11.06 -31.53
N ASP C 16 22.04 11.60 -32.23
CA ASP C 16 22.86 10.78 -33.13
C ASP C 16 22.01 10.06 -34.18
N ALA C 17 20.99 10.78 -34.67
CA ALA C 17 20.05 10.26 -35.67
C ALA C 17 20.41 10.84 -37.04
N GLU C 18 20.08 10.09 -38.10
CA GLU C 18 20.20 10.61 -39.47
C GLU C 18 18.91 11.31 -39.87
N LEU C 19 19.00 12.58 -40.20
CA LEU C 19 17.84 13.36 -40.59
C LEU C 19 17.53 13.18 -42.08
N HIS C 20 16.28 12.82 -42.39
CA HIS C 20 15.75 12.87 -43.75
C HIS C 20 14.57 13.83 -43.72
N GLY C 21 14.76 15.02 -44.30
CA GLY C 21 13.76 16.05 -44.23
C GLY C 21 14.37 17.38 -43.80
N ASP C 22 13.47 18.33 -43.49
CA ASP C 22 13.82 19.74 -43.26
C ASP C 22 14.34 19.95 -41.82
N GLY C 23 15.64 20.19 -41.69
CA GLY C 23 16.27 20.48 -40.40
C GLY C 23 15.74 21.72 -39.69
N ASP C 24 15.06 22.61 -40.40
CA ASP C 24 14.56 23.84 -39.80
C ASP C 24 13.20 23.67 -39.16
N ILE C 25 12.54 22.52 -39.35
CA ILE C 25 11.30 22.25 -38.64
C ILE C 25 11.55 22.43 -37.14
N VAL C 26 10.62 23.11 -36.48
CA VAL C 26 10.69 23.36 -35.04
C VAL C 26 9.86 22.31 -34.29
N ILE C 27 10.51 21.61 -33.36
CA ILE C 27 9.85 20.59 -32.54
C ILE C 27 9.59 21.17 -31.16
N THR C 28 8.36 21.04 -30.69
CA THR C 28 7.96 21.56 -29.37
C THR C 28 7.74 20.49 -28.32
N GLY C 29 7.51 19.24 -28.71
CA GLY C 29 7.32 18.22 -27.70
C GLY C 29 7.15 16.87 -28.36
N VAL C 30 6.99 15.86 -27.52
CA VAL C 30 6.82 14.47 -27.92
C VAL C 30 5.36 14.10 -27.73
N ALA C 31 4.86 13.26 -28.64
CA ALA C 31 3.49 12.78 -28.51
C ALA C 31 3.42 11.36 -29.05
N SER C 32 2.35 10.65 -28.65
CA SER C 32 2.07 9.37 -29.25
C SER C 32 1.74 9.53 -30.74
N MET C 33 1.87 8.43 -31.50
CA MET C 33 1.59 8.53 -32.92
C MET C 33 0.16 8.98 -33.17
N GLN C 34 -0.77 8.48 -32.37
CA GLN C 34 -2.17 8.79 -32.59
C GLN C 34 -2.51 10.21 -32.13
N SER C 35 -1.79 10.77 -31.13
CA SER C 35 -2.11 12.10 -30.65
C SER C 35 -1.25 13.21 -31.25
N ALA C 36 -0.19 12.86 -31.97
CA ALA C 36 0.76 13.87 -32.44
C ALA C 36 0.12 14.84 -33.42
N GLN C 37 0.53 16.11 -33.32
CA GLN C 37 0.09 17.19 -34.17
C GLN C 37 1.31 17.96 -34.63
N THR C 38 1.11 19.01 -35.43
CA THR C 38 2.22 19.81 -35.89
C THR C 38 3.02 20.34 -34.70
N GLY C 39 4.32 20.30 -34.84
CA GLY C 39 5.25 20.63 -33.77
C GLY C 39 5.74 19.42 -32.98
N HIS C 40 5.02 18.31 -33.02
CA HIS C 40 5.39 17.13 -32.23
C HIS C 40 6.30 16.22 -33.00
N ILE C 41 7.18 15.54 -32.26
CA ILE C 41 7.94 14.41 -32.78
C ILE C 41 7.37 13.15 -32.12
N THR C 42 7.32 12.05 -32.89
CA THR C 42 6.85 10.77 -32.37
C THR C 42 7.80 9.69 -32.86
N PHE C 43 7.42 8.42 -32.67
CA PHE C 43 8.34 7.35 -33.01
C PHE C 43 7.51 6.15 -33.43
N MET C 44 8.15 5.30 -34.25
CA MET C 44 7.53 4.05 -34.68
C MET C 44 8.43 2.88 -34.29
N VAL C 45 7.87 1.95 -33.52
CA VAL C 45 8.57 0.72 -33.18
C VAL C 45 7.97 -0.49 -33.86
N ASN C 46 6.71 -0.42 -34.31
CA ASN C 46 6.02 -1.57 -34.87
C ASN C 46 5.82 -1.36 -36.36
N PRO C 47 6.54 -2.09 -37.22
CA PRO C 47 6.46 -1.85 -38.67
C PRO C 47 5.09 -2.08 -39.26
N LYS C 48 4.17 -2.72 -38.52
CA LYS C 48 2.79 -2.82 -38.99
C LYS C 48 2.15 -1.45 -39.17
N TYR C 49 2.72 -0.42 -38.56
CA TYR C 49 2.20 0.92 -38.69
C TYR C 49 2.75 1.67 -39.89
N ARG C 50 3.63 1.04 -40.70
CA ARG C 50 4.15 1.73 -41.88
C ARG C 50 3.01 2.27 -42.75
N GLU C 51 2.00 1.45 -43.04
CA GLU C 51 0.92 1.87 -43.90
C GLU C 51 0.03 2.91 -43.23
N HIS C 52 0.18 3.15 -41.93
CA HIS C 52 -0.57 4.14 -41.16
C HIS C 52 0.14 5.48 -41.03
N LEU C 53 1.37 5.60 -41.50
CA LEU C 53 2.13 6.82 -41.24
C LEU C 53 1.48 8.05 -41.86
N GLY C 54 0.74 7.89 -42.94
CA GLY C 54 0.06 9.03 -43.53
C GLY C 54 -1.06 9.58 -42.71
N LEU C 55 -1.49 8.86 -41.68
CA LEU C 55 -2.50 9.30 -40.73
C LEU C 55 -1.91 10.05 -39.53
N CYS C 56 -0.60 9.97 -39.35
CA CYS C 56 0.04 10.64 -38.24
C CYS C 56 0.39 12.06 -38.64
N GLN C 57 0.02 13.01 -37.77
CA GLN C 57 0.21 14.44 -38.03
C GLN C 57 1.45 14.99 -37.35
N ALA C 58 2.35 14.13 -36.87
CA ALA C 58 3.60 14.62 -36.30
C ALA C 58 4.42 15.35 -37.33
N SER C 59 5.23 16.32 -36.86
CA SER C 59 6.19 16.95 -37.77
C SER C 59 7.40 16.07 -38.10
N ALA C 60 7.69 15.05 -37.29
CA ALA C 60 8.81 14.17 -37.55
C ALA C 60 8.53 12.86 -36.85
N VAL C 61 9.07 11.78 -37.43
CA VAL C 61 8.91 10.44 -36.86
C VAL C 61 10.27 9.78 -36.77
N VAL C 62 10.59 9.24 -35.59
CA VAL C 62 11.78 8.40 -35.38
C VAL C 62 11.46 6.98 -35.85
N MET C 63 12.35 6.41 -36.68
CA MET C 63 12.12 5.09 -37.24
C MET C 63 13.45 4.48 -37.65
N THR C 64 13.39 3.27 -38.19
CA THR C 64 14.62 2.60 -38.64
C THR C 64 14.85 2.84 -40.13
N GLN C 65 16.03 2.42 -40.58
CA GLN C 65 16.35 2.50 -42.01
C GLN C 65 15.36 1.67 -42.86
N ASP C 66 14.91 0.53 -42.36
CA ASP C 66 13.97 -0.28 -43.12
C ASP C 66 12.60 0.38 -43.25
N ASP C 67 12.24 1.24 -42.29
CA ASP C 67 10.97 1.97 -42.33
C ASP C 67 11.03 3.15 -43.27
N LEU C 68 12.23 3.68 -43.55
CA LEU C 68 12.36 4.94 -44.27
C LEU C 68 11.54 5.03 -45.57
N PRO C 69 11.50 4.01 -46.44
CA PRO C 69 10.70 4.16 -47.67
C PRO C 69 9.24 4.42 -47.42
N PHE C 70 8.74 4.14 -46.22
CA PHE C 70 7.33 4.27 -45.88
C PHE C 70 7.03 5.59 -45.18
N ALA C 71 8.03 6.43 -44.97
CA ALA C 71 7.78 7.69 -44.26
C ALA C 71 6.85 8.61 -45.06
N LYS C 72 6.01 9.34 -44.33
CA LYS C 72 5.24 10.43 -44.91
C LYS C 72 5.44 11.70 -44.10
N SER C 73 6.69 11.94 -43.72
CA SER C 73 7.09 13.06 -42.87
C SER C 73 8.60 13.09 -42.89
N ALA C 74 9.17 14.18 -42.37
CA ALA C 74 10.57 14.14 -41.98
C ALA C 74 10.77 12.94 -41.05
N ALA C 75 11.91 12.28 -41.20
CA ALA C 75 12.21 11.07 -40.47
C ALA C 75 13.56 11.21 -39.82
N LEU C 76 13.69 10.70 -38.59
CA LEU C 76 15.00 10.54 -37.96
C LEU C 76 15.28 9.04 -37.93
N VAL C 77 16.29 8.60 -38.65
CA VAL C 77 16.62 7.20 -38.74
C VAL C 77 17.65 6.84 -37.69
N VAL C 78 17.34 5.81 -36.89
CA VAL C 78 18.17 5.32 -35.79
C VAL C 78 18.13 3.80 -35.79
N LYS C 79 19.07 3.20 -35.05
CA LYS C 79 19.03 1.76 -34.85
C LYS C 79 17.94 1.35 -33.88
N ASN C 80 17.64 2.18 -32.88
CA ASN C 80 16.76 1.78 -31.76
C ASN C 80 15.76 2.88 -31.50
N PRO C 81 14.61 2.83 -32.16
CA PRO C 81 13.63 3.91 -32.00
C PRO C 81 13.14 4.08 -30.58
N TYR C 82 12.95 2.98 -29.83
CA TYR C 82 12.46 3.09 -28.46
C TYR C 82 13.45 3.84 -27.57
N LEU C 83 14.75 3.50 -27.66
CA LEU C 83 15.72 4.19 -26.82
C LEU C 83 15.83 5.65 -27.26
N THR C 84 15.76 5.90 -28.57
CA THR C 84 15.77 7.28 -29.05
C THR C 84 14.57 8.04 -28.50
N TYR C 85 13.40 7.39 -28.47
CA TYR C 85 12.23 8.01 -27.86
C TYR C 85 12.51 8.41 -26.41
N ALA C 86 13.06 7.49 -25.63
CA ALA C 86 13.37 7.83 -24.23
C ALA C 86 14.28 9.05 -24.14
N ARG C 87 15.31 9.08 -25.00
CA ARG C 87 16.25 10.20 -24.98
C ARG C 87 15.60 11.50 -25.40
N MET C 88 14.78 11.46 -26.47
CA MET C 88 14.19 12.72 -26.94
C MET C 88 13.14 13.21 -25.98
N ALA C 89 12.45 12.27 -25.31
CA ALA C 89 11.49 12.65 -24.28
C ALA C 89 12.16 13.33 -23.09
N GLN C 90 13.37 12.91 -22.76
CA GLN C 90 14.14 13.66 -21.74
C GLN C 90 14.54 15.05 -22.24
N ILE C 91 14.98 15.18 -23.49
CA ILE C 91 15.35 16.50 -24.01
C ILE C 91 14.16 17.44 -23.97
N LEU C 92 12.97 16.93 -24.31
CA LEU C 92 11.76 17.71 -24.44
C LEU C 92 10.81 17.55 -23.24
N ASP C 93 11.32 17.10 -22.10
CA ASP C 93 10.46 16.75 -20.97
C ASP C 93 9.68 17.97 -20.48
N THR C 94 8.37 17.81 -20.30
CA THR C 94 7.54 18.86 -19.76
C THR C 94 7.31 18.73 -18.26
N THR C 95 7.84 17.69 -17.63
CA THR C 95 7.64 17.53 -16.19
C THR C 95 8.26 18.70 -15.43
N PRO C 96 7.50 19.36 -14.53
CA PRO C 96 8.10 20.44 -13.72
C PRO C 96 9.04 19.86 -12.66
N GLN C 97 9.85 20.77 -12.08
CA GLN C 97 10.63 20.38 -10.90
C GLN C 97 9.72 20.40 -9.65
N PRO C 98 10.03 19.61 -8.63
CA PRO C 98 9.18 19.63 -7.43
C PRO C 98 9.22 20.95 -6.69
N ALA C 99 10.25 21.79 -6.89
CA ALA C 99 10.32 23.09 -6.25
C ALA C 99 11.37 23.90 -6.96
N GLN C 100 11.31 25.21 -6.74
CA GLN C 100 12.34 26.12 -7.20
C GLN C 100 12.68 27.08 -6.07
N ASN C 101 13.99 27.27 -5.84
CA ASN C 101 14.47 28.13 -4.75
C ASN C 101 14.06 27.54 -3.40
N ILE C 102 14.25 28.29 -2.32
CA ILE C 102 13.91 27.83 -0.97
C ILE C 102 12.67 28.56 -0.48
N ALA C 103 11.58 27.83 -0.24
CA ALA C 103 10.32 28.44 0.10
C ALA C 103 10.40 29.10 1.49
N PRO C 104 9.85 30.31 1.65
CA PRO C 104 9.83 30.93 2.98
C PRO C 104 9.06 30.13 4.01
N SER C 105 8.14 29.25 3.57
CA SER C 105 7.40 28.40 4.49
C SER C 105 8.11 27.10 4.83
N ALA C 106 9.22 26.81 4.19
CA ALA C 106 10.02 25.65 4.56
C ALA C 106 10.70 25.90 5.89
N VAL C 107 10.85 24.86 6.69
CA VAL C 107 11.42 24.94 8.04
C VAL C 107 12.72 24.17 8.00
N ILE C 108 13.85 24.88 8.10
CA ILE C 108 15.17 24.30 7.86
C ILE C 108 16.05 24.55 9.06
N ASP C 109 16.51 23.49 9.70
CA ASP C 109 17.37 23.62 10.86
C ASP C 109 18.64 24.39 10.49
N ALA C 110 19.08 25.25 11.42
CA ALA C 110 20.26 26.07 11.19
C ALA C 110 21.53 25.24 10.91
N THR C 111 21.57 23.98 11.38
CA THR C 111 22.73 23.12 11.17
C THR C 111 22.65 22.29 9.89
N ALA C 112 21.56 22.34 9.15
CA ALA C 112 21.55 21.65 7.87
C ALA C 112 22.53 22.29 6.92
N LYS C 113 23.14 21.47 6.09
CA LYS C 113 24.15 21.93 5.12
C LYS C 113 23.58 21.83 3.71
N LEU C 114 23.41 22.98 3.04
CA LEU C 114 22.79 23.03 1.72
C LEU C 114 23.89 23.27 0.69
N GLY C 115 23.96 22.43 -0.33
CA GLY C 115 24.86 22.61 -1.45
C GLY C 115 24.40 23.75 -2.33
N ASN C 116 25.00 23.82 -3.52
CA ASN C 116 24.66 24.88 -4.45
C ASN C 116 23.39 24.53 -5.22
N ASN C 117 22.57 25.54 -5.48
CA ASN C 117 21.40 25.34 -6.33
C ASN C 117 20.44 24.32 -5.76
N VAL C 118 20.26 24.32 -4.46
CA VAL C 118 19.26 23.43 -3.86
C VAL C 118 17.92 24.14 -3.82
N SER C 119 16.85 23.41 -4.11
CA SER C 119 15.50 23.95 -3.98
C SER C 119 14.70 23.14 -2.98
N ILE C 120 13.87 23.82 -2.19
CA ILE C 120 13.09 23.18 -1.14
C ILE C 120 11.70 23.78 -1.14
N GLY C 121 10.70 22.94 -1.35
CA GLY C 121 9.35 23.41 -1.55
C GLY C 121 8.64 23.85 -0.30
N ALA C 122 7.46 24.43 -0.52
CA ALA C 122 6.69 25.01 0.58
C ALA C 122 6.38 23.96 1.65
N ASN C 123 6.58 24.33 2.92
CA ASN C 123 6.21 23.57 4.11
C ASN C 123 7.03 22.29 4.25
N ALA C 124 8.10 22.13 3.48
CA ALA C 124 8.98 21.02 3.78
C ALA C 124 9.71 21.28 5.10
N VAL C 125 10.18 20.20 5.73
CA VAL C 125 10.82 20.25 7.04
C VAL C 125 12.13 19.49 6.98
N ILE C 126 13.23 20.18 7.24
CA ILE C 126 14.59 19.62 7.18
C ILE C 126 15.16 19.67 8.60
N GLU C 127 15.52 18.51 9.14
CA GLU C 127 16.01 18.41 10.51
C GLU C 127 17.49 18.83 10.64
N SER C 128 17.94 18.80 11.88
CA SER C 128 19.32 19.11 12.19
C SER C 128 20.28 18.12 11.54
N GLY C 129 21.45 18.62 11.11
CA GLY C 129 22.48 17.79 10.57
C GLY C 129 22.25 17.28 9.16
N VAL C 130 21.12 17.59 8.52
CA VAL C 130 20.88 17.07 7.17
C VAL C 130 21.89 17.70 6.20
N GLU C 131 22.35 16.92 5.23
CA GLU C 131 23.21 17.43 4.16
C GLU C 131 22.51 17.20 2.83
N LEU C 132 22.26 18.28 2.08
CA LEU C 132 21.65 18.21 0.76
C LEU C 132 22.70 18.60 -0.28
N GLY C 133 23.02 17.68 -1.19
CA GLY C 133 24.06 17.95 -2.17
C GLY C 133 23.63 18.95 -3.24
N ASP C 134 24.60 19.34 -4.08
CA ASP C 134 24.28 20.30 -5.14
C ASP C 134 23.11 19.82 -5.98
N ASN C 135 22.24 20.76 -6.36
CA ASN C 135 21.13 20.55 -7.26
C ASN C 135 20.05 19.64 -6.70
N VAL C 136 20.06 19.36 -5.40
CA VAL C 136 19.00 18.53 -4.83
C VAL C 136 17.71 19.34 -4.82
N ILE C 137 16.59 18.67 -5.11
CA ILE C 137 15.28 19.32 -5.01
C ILE C 137 14.42 18.53 -4.04
N ILE C 138 13.88 19.23 -3.04
CA ILE C 138 12.96 18.60 -2.06
C ILE C 138 11.59 19.20 -2.30
N GLY C 139 10.61 18.35 -2.56
CA GLY C 139 9.26 18.84 -2.83
C GLY C 139 8.54 19.39 -1.61
N ALA C 140 7.40 20.02 -1.90
CA ALA C 140 6.59 20.57 -0.82
C ALA C 140 6.20 19.51 0.19
N GLY C 141 6.16 19.88 1.45
CA GLY C 141 5.64 18.98 2.47
C GLY C 141 6.50 17.80 2.84
N CYS C 142 7.69 17.68 2.29
CA CYS C 142 8.52 16.56 2.68
C CYS C 142 9.02 16.73 4.10
N PHE C 143 9.50 15.62 4.67
CA PHE C 143 10.25 15.61 5.93
C PHE C 143 11.55 14.88 5.69
N VAL C 144 12.68 15.48 6.12
CA VAL C 144 13.97 14.83 6.05
C VAL C 144 14.57 14.83 7.45
N GLY C 145 14.77 13.65 7.99
CA GLY C 145 15.10 13.50 9.39
C GLY C 145 16.58 13.72 9.71
N LYS C 146 16.88 13.68 11.01
CA LYS C 146 18.17 14.14 11.53
C LYS C 146 19.34 13.41 10.89
N ASN C 147 20.34 14.18 10.49
CA ASN C 147 21.60 13.65 9.96
C ASN C 147 21.49 12.88 8.66
N SER C 148 20.33 12.91 8.01
CA SER C 148 20.23 12.21 6.72
C SER C 148 20.96 13.00 5.62
N LYS C 149 21.44 12.30 4.60
CA LYS C 149 22.27 12.91 3.56
C LYS C 149 21.67 12.52 2.22
N ILE C 150 21.48 13.49 1.34
CA ILE C 150 20.89 13.25 0.04
C ILE C 150 21.87 13.76 -1.01
N GLY C 151 22.32 12.86 -1.88
CA GLY C 151 23.39 13.18 -2.82
C GLY C 151 22.97 14.11 -3.95
N ALA C 152 23.98 14.69 -4.57
CA ALA C 152 23.78 15.70 -5.61
C ALA C 152 22.82 15.20 -6.68
N GLY C 153 21.95 16.11 -7.13
CA GLY C 153 21.00 15.85 -8.20
C GLY C 153 19.79 15.01 -7.84
N SER C 154 19.69 14.50 -6.62
CA SER C 154 18.49 13.73 -6.24
C SER C 154 17.31 14.65 -6.02
N ARG C 155 16.13 14.10 -6.30
CA ARG C 155 14.89 14.86 -6.21
C ARG C 155 13.84 14.02 -5.49
N LEU C 156 13.13 14.67 -4.56
CA LEU C 156 11.96 14.12 -3.90
C LEU C 156 10.72 14.93 -4.33
N TRP C 157 9.68 14.22 -4.75
CA TRP C 157 8.40 14.87 -5.03
C TRP C 157 7.74 15.24 -3.69
N ALA C 158 6.53 15.77 -3.77
CA ALA C 158 5.88 16.30 -2.57
C ALA C 158 5.60 15.18 -1.59
N ASN C 159 5.59 15.50 -0.29
CA ASN C 159 5.04 14.59 0.71
C ASN C 159 5.80 13.25 0.72
N VAL C 160 7.12 13.33 0.63
CA VAL C 160 8.02 12.22 0.87
C VAL C 160 8.54 12.31 2.30
N THR C 161 8.67 11.18 2.98
CA THR C 161 9.20 11.12 4.34
C THR C 161 10.49 10.32 4.38
N ILE C 162 11.60 11.00 4.76
CA ILE C 162 12.89 10.37 4.99
C ILE C 162 13.16 10.48 6.48
N TYR C 163 13.41 9.35 7.14
CA TYR C 163 13.72 9.36 8.57
C TYR C 163 15.16 9.83 8.81
N HIS C 164 15.69 9.55 10.00
CA HIS C 164 17.01 10.00 10.41
C HIS C 164 18.06 9.00 9.94
N GLU C 165 19.30 9.53 9.78
CA GLU C 165 20.48 8.72 9.45
C GLU C 165 20.37 7.94 8.14
N ILE C 166 19.58 8.45 7.21
CA ILE C 166 19.43 7.80 5.91
C ILE C 166 20.44 8.37 4.95
N GLN C 167 21.00 7.51 4.09
CA GLN C 167 21.91 7.93 3.03
C GLN C 167 21.25 7.67 1.70
N ILE C 168 21.11 8.70 0.88
CA ILE C 168 20.59 8.58 -0.48
C ILE C 168 21.65 9.10 -1.43
N GLY C 169 21.91 8.37 -2.53
CA GLY C 169 22.97 8.70 -3.46
C GLY C 169 22.60 9.84 -4.39
N GLN C 170 23.33 9.90 -5.51
CA GLN C 170 23.20 10.94 -6.52
C GLN C 170 22.15 10.58 -7.57
N ASN C 171 21.44 11.61 -8.05
CA ASN C 171 20.55 11.45 -9.21
C ASN C 171 19.42 10.44 -8.97
N CYS C 172 18.96 10.35 -7.72
CA CYS C 172 17.80 9.52 -7.43
C CYS C 172 16.51 10.33 -7.60
N LEU C 173 15.40 9.58 -7.67
CA LEU C 173 14.09 10.22 -7.80
C LEU C 173 13.10 9.43 -6.98
N ILE C 174 12.42 10.09 -6.06
CA ILE C 174 11.48 9.42 -5.16
C ILE C 174 10.13 10.08 -5.30
N GLN C 175 9.12 9.26 -5.63
CA GLN C 175 7.76 9.78 -5.81
C GLN C 175 7.05 9.98 -4.49
N SER C 176 5.94 10.74 -4.58
CA SER C 176 5.23 11.14 -3.37
C SER C 176 4.71 9.97 -2.52
N GLY C 177 4.59 10.22 -1.21
CA GLY C 177 4.01 9.26 -0.28
C GLY C 177 4.99 8.20 0.17
N THR C 178 6.17 8.13 -0.42
CA THR C 178 7.14 7.12 -0.03
C THR C 178 7.73 7.45 1.33
N VAL C 179 8.03 6.40 2.10
CA VAL C 179 8.60 6.51 3.43
C VAL C 179 9.87 5.70 3.44
N VAL C 180 11.00 6.36 3.70
CA VAL C 180 12.30 5.69 3.75
C VAL C 180 12.84 5.77 5.17
N GLY C 181 13.00 4.62 5.82
CA GLY C 181 13.67 4.59 7.10
C GLY C 181 12.80 4.44 8.33
N ALA C 182 11.52 4.06 8.18
CA ALA C 182 10.69 3.75 9.34
C ALA C 182 11.24 2.53 10.05
N ASP C 183 10.83 2.36 11.32
CA ASP C 183 11.26 1.18 12.05
C ASP C 183 10.90 -0.09 11.33
N GLY C 184 11.89 -0.98 11.21
CA GLY C 184 11.60 -2.37 10.87
C GLY C 184 10.66 -3.02 11.88
N PHE C 185 10.09 -4.16 11.48
CA PHE C 185 9.08 -4.83 12.30
C PHE C 185 9.76 -5.77 13.29
N GLY C 186 10.46 -5.16 14.23
CA GLY C 186 11.30 -5.89 15.19
C GLY C 186 10.78 -5.88 16.60
N TYR C 187 10.41 -7.07 17.10
CA TYR C 187 9.83 -7.24 18.42
C TYR C 187 10.24 -8.59 18.96
N ALA C 188 10.53 -8.65 20.25
CA ALA C 188 10.75 -9.90 20.95
C ALA C 188 9.46 -10.22 21.71
N ASN C 189 9.24 -11.50 21.94
CA ASN C 189 8.02 -11.96 22.60
C ASN C 189 8.34 -12.34 24.04
N ASP C 190 7.65 -11.73 24.98
CA ASP C 190 7.79 -12.02 26.41
C ASP C 190 6.43 -12.50 26.89
N ARG C 191 6.24 -13.81 26.96
CA ARG C 191 5.02 -14.37 27.56
C ARG C 191 3.76 -13.90 26.84
N GLY C 192 3.89 -13.68 25.53
CA GLY C 192 2.77 -13.25 24.73
C GLY C 192 2.69 -11.75 24.47
N ASN C 193 3.44 -10.94 25.21
CA ASN C 193 3.52 -9.50 24.97
C ASN C 193 4.69 -9.18 24.05
N TRP C 194 4.48 -8.23 23.14
CA TRP C 194 5.57 -7.80 22.25
C TRP C 194 6.41 -6.72 22.93
N VAL C 195 7.71 -6.89 22.87
CA VAL C 195 8.68 -5.96 23.41
C VAL C 195 9.43 -5.33 22.23
N LYS C 196 9.33 -4.02 22.08
CA LYS C 196 9.93 -3.37 20.92
C LYS C 196 11.44 -3.51 20.91
N ILE C 197 11.99 -3.82 19.73
CA ILE C 197 13.43 -3.75 19.50
C ILE C 197 13.70 -2.46 18.74
N PRO C 198 14.36 -1.48 19.33
CA PRO C 198 14.73 -0.29 18.55
C PRO C 198 15.52 -0.67 17.32
N GLN C 199 15.26 0.07 16.24
CA GLN C 199 15.81 -0.26 14.93
C GLN C 199 16.84 0.82 14.67
N ILE C 200 18.09 0.50 14.95
CA ILE C 200 19.16 1.50 14.99
C ILE C 200 20.11 1.36 13.80
N GLY C 201 19.84 0.43 12.88
CA GLY C 201 20.47 0.48 11.58
C GLY C 201 19.85 1.59 10.75
N ARG C 202 20.22 1.58 9.47
CA ARG C 202 19.89 2.68 8.57
C ARG C 202 19.31 2.14 7.26
N VAL C 203 19.10 3.04 6.30
CA VAL C 203 18.87 2.67 4.90
C VAL C 203 19.97 3.37 4.11
N ILE C 204 20.60 2.63 3.21
CA ILE C 204 21.56 3.18 2.26
C ILE C 204 20.96 2.96 0.89
N ILE C 205 20.70 4.03 0.18
CA ILE C 205 20.21 3.96 -1.20
C ILE C 205 21.31 4.47 -2.10
N GLY C 206 21.61 3.71 -3.16
CA GLY C 206 22.70 4.05 -4.04
C GLY C 206 22.37 5.17 -5.00
N ASP C 207 23.11 5.21 -6.11
CA ASP C 207 22.98 6.25 -7.13
C ASP C 207 21.98 5.84 -8.19
N ARG C 208 21.26 6.82 -8.73
CA ARG C 208 20.36 6.61 -9.86
C ARG C 208 19.25 5.61 -9.52
N VAL C 209 18.76 5.66 -8.28
CA VAL C 209 17.64 4.80 -7.86
C VAL C 209 16.35 5.57 -8.04
N GLU C 210 15.32 4.88 -8.55
CA GLU C 210 13.98 5.48 -8.69
C GLU C 210 13.03 4.66 -7.86
N ILE C 211 12.26 5.33 -7.04
CA ILE C 211 11.30 4.72 -6.12
C ILE C 211 9.94 5.33 -6.37
N GLY C 212 8.94 4.46 -6.56
CA GLY C 212 7.58 4.87 -6.86
C GLY C 212 6.87 5.42 -5.62
N ALA C 213 5.57 5.62 -5.79
CA ALA C 213 4.78 6.31 -4.78
C ALA C 213 4.25 5.35 -3.72
N CYS C 214 4.22 5.81 -2.47
CA CYS C 214 3.71 5.05 -1.34
C CYS C 214 4.45 3.75 -1.14
N THR C 215 5.71 3.72 -1.49
CA THR C 215 6.58 2.58 -1.16
C THR C 215 7.18 2.82 0.21
N THR C 216 7.38 1.76 0.97
CA THR C 216 8.01 1.85 2.28
C THR C 216 9.28 1.03 2.32
N ILE C 217 10.38 1.65 2.74
CA ILE C 217 11.66 0.96 2.87
C ILE C 217 12.12 1.14 4.30
N ASP C 218 12.03 0.10 5.10
CA ASP C 218 12.35 0.21 6.53
C ASP C 218 13.86 0.20 6.79
N ARG C 219 14.26 0.90 7.87
CA ARG C 219 15.64 0.88 8.32
C ARG C 219 15.99 -0.46 8.95
N GLY C 220 17.31 -0.75 8.99
CA GLY C 220 17.77 -2.01 9.55
C GLY C 220 17.73 -2.04 11.07
N ALA C 221 17.78 -3.27 11.61
CA ALA C 221 17.74 -3.40 13.07
C ALA C 221 19.05 -2.96 13.71
N LEU C 222 20.17 -3.39 13.11
CA LEU C 222 21.51 -3.06 13.63
C LEU C 222 22.39 -2.65 12.46
N ASP C 223 22.57 -3.57 11.51
CA ASP C 223 23.13 -3.24 10.22
C ASP C 223 22.01 -2.69 9.32
N ASP C 224 22.29 -2.52 8.03
CA ASP C 224 21.49 -1.60 7.22
C ASP C 224 20.63 -2.32 6.19
N THR C 225 19.52 -1.68 5.81
CA THR C 225 18.80 -2.02 4.59
C THR C 225 19.50 -1.31 3.43
N ILE C 226 19.76 -2.02 2.33
CA ILE C 226 20.64 -1.50 1.28
C ILE C 226 19.97 -1.65 -0.06
N ILE C 227 19.88 -0.56 -0.81
CA ILE C 227 19.33 -0.57 -2.16
C ILE C 227 20.47 -0.19 -3.09
N GLY C 228 20.81 -1.09 -4.04
CA GLY C 228 21.95 -0.89 -4.92
C GLY C 228 21.75 0.22 -5.95
N ASN C 229 22.81 0.48 -6.72
CA ASN C 229 22.75 1.51 -7.76
C ASN C 229 21.82 1.09 -8.88
N GLY C 230 21.11 2.06 -9.44
CA GLY C 230 20.33 1.80 -10.64
C GLY C 230 19.08 0.98 -10.43
N VAL C 231 18.73 0.68 -9.20
CA VAL C 231 17.51 -0.08 -8.91
C VAL C 231 16.30 0.77 -9.22
N ILE C 232 15.26 0.12 -9.76
CA ILE C 232 13.98 0.80 -10.01
C ILE C 232 12.91 0.05 -9.23
N ILE C 233 12.15 0.75 -8.39
CA ILE C 233 11.10 0.17 -7.53
C ILE C 233 9.82 0.92 -7.81
N ASP C 234 8.74 0.18 -8.06
CA ASP C 234 7.46 0.78 -8.44
C ASP C 234 6.70 1.15 -7.16
N ASN C 235 5.41 1.43 -7.31
CA ASN C 235 4.57 1.93 -6.22
C ASN C 235 4.20 0.84 -5.22
N GLN C 236 4.00 1.24 -3.98
CA GLN C 236 3.41 0.43 -2.91
C GLN C 236 4.14 -0.88 -2.65
N CYS C 237 5.44 -0.87 -2.82
CA CYS C 237 6.25 -1.99 -2.37
C CYS C 237 6.61 -1.85 -0.92
N GLN C 238 6.81 -2.96 -0.25
CA GLN C 238 7.32 -3.04 1.11
C GLN C 238 8.68 -3.70 1.06
N ILE C 239 9.70 -2.95 1.48
CA ILE C 239 11.05 -3.46 1.57
C ILE C 239 11.37 -3.44 3.06
N ALA C 240 11.38 -4.62 3.68
CA ALA C 240 11.50 -4.79 5.13
C ALA C 240 12.92 -4.50 5.62
N HIS C 241 13.07 -4.47 6.96
CA HIS C 241 14.39 -4.23 7.53
C HIS C 241 15.42 -5.24 7.03
N ASN C 242 16.61 -4.73 6.76
CA ASN C 242 17.75 -5.55 6.43
C ASN C 242 17.63 -6.29 5.11
N VAL C 243 16.66 -5.89 4.27
CA VAL C 243 16.67 -6.33 2.88
C VAL C 243 17.84 -5.69 2.15
N VAL C 244 18.45 -6.45 1.24
CA VAL C 244 19.49 -5.96 0.35
C VAL C 244 19.03 -6.21 -1.07
N ILE C 245 19.02 -5.17 -1.91
CA ILE C 245 18.59 -5.30 -3.30
C ILE C 245 19.75 -4.94 -4.20
N GLY C 246 20.20 -5.89 -5.01
CA GLY C 246 21.38 -5.68 -5.82
C GLY C 246 21.17 -4.71 -6.98
N ASP C 247 22.30 -4.13 -7.43
CA ASP C 247 22.31 -3.16 -8.52
C ASP C 247 21.45 -3.59 -9.70
N ASN C 248 20.74 -2.62 -10.26
CA ASN C 248 19.99 -2.70 -11.51
C ASN C 248 18.76 -3.59 -11.40
N THR C 249 18.43 -4.12 -10.23
CA THR C 249 17.20 -4.91 -10.11
C THR C 249 15.99 -4.02 -10.26
N ALA C 250 14.93 -4.61 -10.85
CA ALA C 250 13.65 -3.92 -10.99
C ALA C 250 12.62 -4.66 -10.14
N VAL C 251 11.85 -3.90 -9.38
CA VAL C 251 10.77 -4.44 -8.53
C VAL C 251 9.50 -3.72 -8.97
N ALA C 252 8.55 -4.45 -9.53
CA ALA C 252 7.30 -3.87 -10.01
C ALA C 252 6.32 -3.68 -8.85
N GLY C 253 5.14 -3.14 -9.18
CA GLY C 253 4.29 -2.58 -8.13
C GLY C 253 3.79 -3.60 -7.12
N GLY C 254 3.68 -3.18 -5.86
CA GLY C 254 2.98 -3.97 -4.82
C GLY C 254 3.69 -5.20 -4.37
N VAL C 255 5.00 -5.30 -4.56
CA VAL C 255 5.75 -6.46 -4.06
C VAL C 255 5.94 -6.29 -2.56
N ILE C 256 5.82 -7.38 -1.80
CA ILE C 256 5.99 -7.38 -0.34
C ILE C 256 7.17 -8.29 -0.03
N MET C 257 8.20 -7.74 0.61
CA MET C 257 9.40 -8.49 0.96
C MET C 257 9.52 -8.54 2.47
N ALA C 258 9.87 -9.69 2.99
CA ALA C 258 10.07 -9.85 4.42
C ALA C 258 11.53 -9.55 4.78
N GLY C 259 11.77 -9.47 6.09
CA GLY C 259 13.05 -8.98 6.59
C GLY C 259 14.20 -9.90 6.23
N SER C 260 15.37 -9.28 6.01
CA SER C 260 16.63 -9.99 5.78
C SER C 260 16.63 -10.82 4.50
N LEU C 261 15.76 -10.49 3.55
CA LEU C 261 15.88 -11.01 2.18
C LEU C 261 17.06 -10.32 1.46
N LYS C 262 17.89 -11.11 0.78
CA LYS C 262 18.91 -10.56 -0.12
C LYS C 262 18.50 -10.91 -1.54
N ILE C 263 18.33 -9.91 -2.42
CA ILE C 263 18.07 -10.12 -3.84
C ILE C 263 19.33 -9.70 -4.60
N GLY C 264 19.77 -10.54 -5.54
CA GLY C 264 20.99 -10.24 -6.25
C GLY C 264 20.84 -9.09 -7.23
N ARG C 265 21.92 -8.88 -7.99
CA ARG C 265 21.91 -7.91 -9.07
C ARG C 265 21.12 -8.44 -10.25
N TYR C 266 20.58 -7.52 -11.06
CA TYR C 266 20.06 -7.86 -12.39
C TYR C 266 18.81 -8.72 -12.29
N CYS C 267 18.06 -8.61 -11.20
CA CYS C 267 16.84 -9.41 -11.07
C CYS C 267 15.64 -8.57 -11.53
N MET C 268 14.53 -9.27 -11.76
CA MET C 268 13.27 -8.62 -12.16
C MET C 268 12.17 -9.27 -11.37
N ILE C 269 11.51 -8.52 -10.48
CA ILE C 269 10.51 -9.08 -9.60
C ILE C 269 9.15 -8.54 -10.02
N GLY C 270 8.29 -9.45 -10.47
CA GLY C 270 7.01 -9.06 -11.06
C GLY C 270 6.05 -8.53 -10.01
N GLY C 271 5.12 -7.72 -10.50
CA GLY C 271 4.16 -7.02 -9.61
C GLY C 271 3.42 -7.99 -8.71
N ALA C 272 3.18 -7.57 -7.47
CA ALA C 272 2.33 -8.28 -6.52
C ALA C 272 2.97 -9.58 -6.02
N SER C 273 4.27 -9.79 -6.30
CA SER C 273 4.93 -10.94 -5.72
C SER C 273 5.08 -10.79 -4.19
N VAL C 274 5.33 -11.91 -3.53
CA VAL C 274 5.46 -12.00 -2.08
C VAL C 274 6.69 -12.84 -1.80
N ILE C 275 7.67 -12.26 -1.09
CA ILE C 275 8.95 -12.94 -0.93
C ILE C 275 9.28 -13.11 0.56
N ASN C 276 9.54 -14.35 0.96
CA ASN C 276 9.90 -14.73 2.32
C ASN C 276 11.25 -14.12 2.68
N GLY C 277 11.51 -14.09 3.99
CA GLY C 277 12.71 -13.45 4.50
C GLY C 277 13.81 -14.43 4.87
N HIS C 278 14.91 -13.85 5.37
CA HIS C 278 16.02 -14.66 5.90
C HIS C 278 16.49 -15.66 4.86
N MET C 279 16.65 -15.19 3.63
CA MET C 279 17.04 -16.07 2.53
C MET C 279 17.53 -15.21 1.39
N GLU C 280 18.04 -15.87 0.33
CA GLU C 280 18.68 -15.19 -0.78
C GLU C 280 18.06 -15.59 -2.10
N ILE C 281 17.96 -14.62 -3.00
CA ILE C 281 17.69 -14.83 -4.40
C ILE C 281 18.95 -14.43 -5.15
N CYS C 282 19.51 -15.34 -5.96
CA CYS C 282 20.77 -15.06 -6.66
C CYS C 282 20.59 -14.03 -7.78
N ASP C 283 21.70 -13.69 -8.43
CA ASP C 283 21.67 -12.75 -9.54
C ASP C 283 20.84 -13.31 -10.69
N LYS C 284 20.28 -12.41 -11.50
CA LYS C 284 19.72 -12.76 -12.82
C LYS C 284 18.51 -13.69 -12.68
N VAL C 285 17.67 -13.39 -11.69
CA VAL C 285 16.42 -14.11 -11.50
C VAL C 285 15.27 -13.21 -11.91
N THR C 286 14.33 -13.78 -12.66
CA THR C 286 13.02 -13.16 -12.92
C THR C 286 11.95 -13.97 -12.23
N VAL C 287 11.14 -13.29 -11.41
CA VAL C 287 9.93 -13.87 -10.82
C VAL C 287 8.77 -13.22 -11.52
N THR C 288 7.87 -14.01 -12.10
CA THR C 288 6.70 -13.43 -12.76
C THR C 288 5.70 -12.94 -11.71
N GLY C 289 4.75 -12.13 -12.18
CA GLY C 289 3.81 -11.48 -11.29
C GLY C 289 3.06 -12.40 -10.35
N MET C 290 2.83 -11.90 -9.14
CA MET C 290 2.12 -12.61 -8.08
C MET C 290 2.89 -13.85 -7.62
N GLY C 291 4.20 -13.87 -7.81
CA GLY C 291 4.98 -15.05 -7.44
C GLY C 291 5.00 -15.24 -5.94
N MET C 292 4.81 -16.45 -5.48
CA MET C 292 4.85 -16.81 -4.08
C MET C 292 6.23 -17.40 -3.85
N VAL C 293 7.16 -16.58 -3.37
CA VAL C 293 8.57 -16.99 -3.23
C VAL C 293 8.79 -17.41 -1.78
N MET C 294 8.60 -18.69 -1.52
CA MET C 294 8.73 -19.26 -0.18
C MET C 294 10.17 -19.64 0.16
N ARG C 295 10.94 -20.09 -0.81
CA ARG C 295 12.24 -20.71 -0.64
C ARG C 295 13.31 -19.93 -1.38
N PRO C 296 14.58 -20.11 -1.02
CA PRO C 296 15.67 -19.44 -1.74
C PRO C 296 15.67 -19.79 -3.22
N ILE C 297 16.15 -18.85 -4.02
CA ILE C 297 16.37 -19.12 -5.44
C ILE C 297 17.86 -19.12 -5.69
N THR C 298 18.39 -20.26 -6.10
CA THR C 298 19.83 -20.45 -6.17
C THR C 298 20.37 -20.55 -7.59
N GLU C 299 19.50 -20.60 -8.62
CA GLU C 299 19.94 -20.64 -10.01
C GLU C 299 19.27 -19.50 -10.79
N PRO C 300 19.98 -18.84 -11.69
CA PRO C 300 19.35 -17.79 -12.50
C PRO C 300 18.27 -18.40 -13.37
N GLY C 301 17.34 -17.58 -13.78
CA GLY C 301 16.31 -17.98 -14.70
C GLY C 301 14.98 -17.41 -14.29
N VAL C 302 13.92 -17.92 -14.92
CA VAL C 302 12.56 -17.41 -14.77
C VAL C 302 11.72 -18.38 -13.94
N TYR C 303 11.01 -17.85 -12.95
CA TYR C 303 10.25 -18.64 -12.00
C TYR C 303 8.86 -18.05 -11.85
N SER C 304 7.88 -18.95 -11.61
CA SER C 304 6.48 -18.53 -11.59
C SER C 304 5.67 -19.35 -10.60
N SER C 305 4.51 -18.80 -10.22
CA SER C 305 3.55 -19.54 -9.43
C SER C 305 2.14 -19.03 -9.70
N GLY C 306 1.16 -19.79 -9.22
CA GLY C 306 -0.21 -19.29 -9.20
C GLY C 306 -1.11 -20.06 -10.16
N ILE C 307 -2.34 -20.29 -9.73
CA ILE C 307 -3.35 -20.90 -10.59
C ILE C 307 -4.28 -19.78 -11.03
N PRO C 308 -4.32 -19.41 -12.29
CA PRO C 308 -5.06 -18.20 -12.67
C PRO C 308 -6.56 -18.42 -12.83
N LEU C 309 -7.20 -17.30 -13.13
CA LEU C 309 -8.65 -17.14 -13.15
C LEU C 309 -9.39 -18.17 -14.01
N GLN C 310 -10.55 -18.56 -13.53
CA GLN C 310 -11.52 -19.35 -14.29
C GLN C 310 -12.91 -18.79 -14.01
N PRO C 311 -13.89 -19.12 -14.84
CA PRO C 311 -15.29 -18.83 -14.49
C PRO C 311 -15.56 -19.37 -13.10
N ASN C 312 -16.35 -18.64 -12.32
CA ASN C 312 -16.57 -19.06 -10.94
C ASN C 312 -17.07 -20.50 -10.82
N LYS C 313 -17.98 -20.94 -11.70
CA LYS C 313 -18.49 -22.30 -11.59
C LYS C 313 -17.37 -23.32 -11.75
N VAL C 314 -16.43 -23.04 -12.64
CA VAL C 314 -15.29 -23.93 -12.87
C VAL C 314 -14.32 -23.85 -11.69
N TRP C 315 -14.01 -22.62 -11.25
CA TRP C 315 -13.11 -22.44 -10.12
C TRP C 315 -13.57 -23.24 -8.89
N ARG C 316 -14.89 -23.26 -8.62
CA ARG C 316 -15.35 -23.95 -7.42
C ARG C 316 -14.92 -25.41 -7.44
N LYS C 317 -15.00 -26.04 -8.62
CA LYS C 317 -14.59 -27.43 -8.77
C LYS C 317 -13.07 -27.56 -8.69
N THR C 318 -12.33 -26.68 -9.37
CA THR C 318 -10.88 -26.70 -9.30
C THR C 318 -10.40 -26.62 -7.85
N ALA C 319 -10.91 -25.64 -7.10
CA ALA C 319 -10.42 -25.45 -5.74
C ALA C 319 -10.79 -26.62 -4.84
N ALA C 320 -12.02 -27.14 -4.96
CA ALA C 320 -12.40 -28.27 -4.12
C ALA C 320 -11.56 -29.49 -4.43
N LEU C 321 -11.28 -29.73 -5.71
CA LEU C 321 -10.50 -30.92 -6.08
C LEU C 321 -9.05 -30.78 -5.67
N VAL C 322 -8.46 -29.58 -5.82
CA VAL C 322 -7.11 -29.38 -5.31
C VAL C 322 -7.08 -29.59 -3.80
N MET C 323 -8.06 -29.03 -3.07
CA MET C 323 -8.02 -29.18 -1.62
C MET C 323 -8.10 -30.64 -1.19
N ASN C 324 -8.75 -31.48 -1.99
CA ASN C 324 -8.89 -32.91 -1.76
CA ASN C 324 -8.87 -32.92 -1.74
C ASN C 324 -7.93 -33.74 -2.60
N ILE C 325 -6.81 -33.15 -3.06
CA ILE C 325 -5.92 -33.89 -3.96
C ILE C 325 -5.26 -35.09 -3.28
N ASP C 326 -5.11 -35.07 -1.94
CA ASP C 326 -4.53 -36.22 -1.26
C ASP C 326 -5.42 -37.44 -1.45
N ASP C 327 -6.74 -37.27 -1.30
CA ASP C 327 -7.68 -38.37 -1.54
C ASP C 327 -7.60 -38.83 -2.99
N MET C 328 -7.53 -37.89 -3.94
CA MET C 328 -7.39 -38.25 -5.35
C MET C 328 -6.13 -39.08 -5.58
N SER C 329 -5.02 -38.69 -4.94
CA SER C 329 -3.77 -39.43 -5.03
C SER C 329 -3.90 -40.83 -4.45
N LYS C 330 -4.56 -40.96 -3.29
CA LYS C 330 -4.72 -42.28 -2.69
C LYS C 330 -5.58 -43.17 -3.58
N ARG C 331 -6.63 -42.60 -4.18
CA ARG C 331 -7.49 -43.38 -5.05
C ARG C 331 -6.74 -43.83 -6.29
N LEU C 332 -5.86 -42.98 -6.84
CA LEU C 332 -5.07 -43.36 -8.00
C LEU C 332 -4.15 -44.52 -7.69
N LYS C 333 -3.46 -44.46 -6.55
CA LYS C 333 -2.59 -45.56 -6.13
C LYS C 333 -3.39 -46.85 -5.91
N SER C 334 -4.56 -46.75 -5.28
CA SER C 334 -5.37 -47.94 -5.05
C SER C 334 -5.78 -48.60 -6.36
N LEU C 335 -6.20 -47.79 -7.34
CA LEU C 335 -6.59 -48.33 -8.63
C LEU C 335 -5.40 -48.94 -9.36
N GLU C 336 -4.23 -48.31 -9.25
CA GLU C 336 -3.01 -48.88 -9.83
C GLU C 336 -2.74 -50.25 -9.25
N ARG C 337 -2.83 -50.38 -7.93
CA ARG C 337 -2.61 -51.68 -7.30
C ARG C 337 -3.64 -52.71 -7.78
N LYS C 338 -4.91 -52.32 -7.83
CA LYS C 338 -5.94 -53.26 -8.26
C LYS C 338 -5.72 -53.73 -9.70
N VAL C 339 -5.40 -52.80 -10.60
CA VAL C 339 -5.13 -53.14 -12.00
C VAL C 339 -3.88 -54.00 -12.12
N ASN C 340 -2.83 -53.70 -11.34
CA ASN C 340 -1.57 -54.46 -11.43
C ASN C 340 -1.62 -55.76 -10.61
#